data_2BRP
#
_entry.id   2BRP
#
_cell.length_a   84.195
_cell.length_b   103.265
_cell.length_c   103.261
_cell.angle_alpha   90.00
_cell.angle_beta   90.00
_cell.angle_gamma   90.00
#
_symmetry.space_group_name_H-M   'P 21 21 21'
#
loop_
_entity.id
_entity.type
_entity.pdbx_description
1 polymer 'HYALURONATE LYASE'
2 non-polymer 'SULFAMIC ACID 1-DECYL-2-(4-SULFAMOYLOXYPHENYL)-1H-INDOL-6-YL ESTER'
3 non-polymer D-xylose
4 non-polymer 'SULFATE ION'
5 water water
#
_entity_poly.entity_id   1
_entity_poly.type   'polypeptide(L)'
_entity_poly.pdbx_seq_one_letter_code
;ASVKDTYTDRLDDWNGIIAGNQYYDSKNDQMAKLNQELEGKVADSLSSISSQADRIYLWEKFSNYKTSANLTATYRKLEE
MAKQVTNPSSRYYQDETVVRTVRDSMEWMHKHVYNSEKSIVGNWWDYEIGTPRAINNTLSLMKEYFSDEEIKKYTDVIEK
FVPDPEHFRKTTDNPFKALGGNLVDMGRVKVIAGLLRKDDQEISSTIRSIEQVFKLVDQGEGFYQDGSYIDHTNVAYTGA
YGNVLIDGLSQLLPVIQKTKNPIDKDKMQTMYHWIDKSFAPLLVNGELMDMSRGRSISRANSEGHVAAVEVLRGIHRIAD
MSEGETKQRLQSLVKTIVQSDSYYDVFKNLKTYKDISLMQSLLSDAGVASVPRTSYLSAFNKMDKTAMYNAEKGFGFGLS
LFSSRTLNYEHMNKENKRGWYTSDGMFYLYNGDLSHYSDGYWPTVNPYKMPGTTETDAKRADSDTGKVLPSAFVGTSKLD
DANATATMDFTNWNQTLTAHKSWFMLKDKIAFLGSNIQNTSTDTAATTIDQRKLESSNPYKVYVNDKEASLTEQEKDYPE
TQSVFLESSDSKKNIGYFFFKKSSISMSKALQKGAWKDINEGQSDKEVENEFLTISQAHKQNGDSYGYMLIPNVDRATFN
QMIKELESSLIENNETLQSVYDAKQGVWGIVKYDDSVSTISNQFQVLKRGVYTIRKEGDEYKIAYYNPETQESAPDQEVF
KKLEQHHHHHH
;
_entity_poly.pdbx_strand_id   A
#
# COMPACT_ATOMS: atom_id res chain seq x y z
N VAL A 3 11.00 -36.87 -17.58
CA VAL A 3 11.21 -36.87 -19.05
C VAL A 3 11.44 -35.46 -19.56
N LYS A 4 12.35 -35.30 -20.51
CA LYS A 4 12.65 -33.99 -21.08
C LYS A 4 11.71 -33.68 -22.25
N ASP A 5 11.03 -32.54 -22.17
CA ASP A 5 10.08 -32.13 -23.21
C ASP A 5 9.78 -30.63 -23.11
N THR A 6 8.75 -30.15 -23.81
CA THR A 6 8.42 -28.72 -23.76
C THR A 6 7.97 -28.28 -22.38
N TYR A 7 7.40 -29.21 -21.59
CA TYR A 7 6.96 -28.89 -20.25
C TYR A 7 8.19 -28.55 -19.40
N THR A 8 9.18 -29.42 -19.45
CA THR A 8 10.41 -29.20 -18.69
C THR A 8 11.10 -27.94 -19.18
N ASP A 9 10.94 -27.62 -20.46
CA ASP A 9 11.55 -26.43 -21.03
C ASP A 9 10.97 -25.20 -20.33
N ARG A 10 9.66 -25.22 -20.12
CA ARG A 10 8.98 -24.11 -19.45
C ARG A 10 9.41 -24.06 -17.99
N LEU A 11 9.56 -25.23 -17.38
CA LEU A 11 9.98 -25.30 -15.98
C LEU A 11 11.40 -24.77 -15.81
N ASP A 12 12.22 -24.95 -16.84
CA ASP A 12 13.59 -24.45 -16.77
C ASP A 12 13.53 -22.93 -16.75
N ASP A 13 12.60 -22.37 -17.53
CA ASP A 13 12.44 -20.93 -17.57
C ASP A 13 11.95 -20.45 -16.22
N TRP A 14 10.99 -21.18 -15.64
CA TRP A 14 10.44 -20.83 -14.35
C TRP A 14 11.55 -20.82 -13.30
N ASN A 15 12.42 -21.81 -13.34
CA ASN A 15 13.53 -21.91 -12.40
C ASN A 15 14.48 -20.73 -12.54
N GLY A 16 14.58 -20.20 -13.75
CA GLY A 16 15.47 -19.07 -13.97
C GLY A 16 14.83 -17.80 -13.43
N ILE A 17 13.53 -17.86 -13.18
CA ILE A 17 12.79 -16.71 -12.67
C ILE A 17 12.67 -16.71 -11.15
N ILE A 18 12.31 -17.86 -10.57
CA ILE A 18 12.14 -17.97 -9.12
C ILE A 18 13.43 -18.13 -8.32
N ALA A 19 14.53 -18.45 -9.00
CA ALA A 19 15.81 -18.64 -8.31
C ALA A 19 16.92 -17.97 -9.10
N GLY A 20 16.98 -18.29 -10.40
CA GLY A 20 17.98 -17.72 -11.28
C GLY A 20 19.41 -18.17 -11.10
N ASN A 21 19.62 -19.42 -10.69
CA ASN A 21 20.97 -19.92 -10.47
C ASN A 21 21.88 -19.80 -11.69
N GLN A 22 21.30 -19.83 -12.89
CA GLN A 22 22.07 -19.72 -14.11
C GLN A 22 22.72 -18.35 -14.27
N TYR A 23 22.21 -17.36 -13.53
CA TYR A 23 22.72 -16.00 -13.60
C TYR A 23 23.69 -15.69 -12.47
N TYR A 24 23.83 -16.61 -11.53
CA TYR A 24 24.72 -16.36 -10.40
C TYR A 24 26.17 -16.07 -10.79
N ASP A 25 26.77 -15.15 -10.06
CA ASP A 25 28.15 -14.74 -10.29
C ASP A 25 28.74 -14.44 -8.91
N SER A 26 29.64 -15.29 -8.46
CA SER A 26 30.26 -15.13 -7.15
C SER A 26 30.99 -13.81 -6.99
N LYS A 27 31.41 -13.20 -8.10
CA LYS A 27 32.11 -11.93 -8.04
C LYS A 27 31.13 -10.76 -7.97
N ASN A 28 29.84 -11.09 -8.02
CA ASN A 28 28.78 -10.09 -7.96
C ASN A 28 28.41 -9.89 -6.49
N ASP A 29 28.84 -8.77 -5.94
CA ASP A 29 28.59 -8.44 -4.54
C ASP A 29 27.17 -8.67 -4.04
N GLN A 30 26.17 -8.07 -4.71
CA GLN A 30 24.79 -8.22 -4.29
C GLN A 30 24.30 -9.68 -4.38
N MET A 31 24.67 -10.37 -5.46
CA MET A 31 24.26 -11.76 -5.62
C MET A 31 24.86 -12.66 -4.54
N ALA A 32 26.13 -12.45 -4.25
CA ALA A 32 26.81 -13.23 -3.22
C ALA A 32 26.14 -13.04 -1.87
N LYS A 33 25.61 -11.84 -1.65
CA LYS A 33 24.94 -11.53 -0.38
C LYS A 33 23.69 -12.41 -0.24
N LEU A 34 22.90 -12.49 -1.29
CA LEU A 34 21.69 -13.30 -1.28
C LEU A 34 22.05 -14.79 -1.14
N ASN A 35 23.11 -15.21 -1.82
CA ASN A 35 23.55 -16.59 -1.75
C ASN A 35 23.93 -16.93 -0.31
N GLN A 36 24.58 -15.98 0.35
CA GLN A 36 25.00 -16.16 1.73
C GLN A 36 23.76 -16.33 2.61
N GLU A 37 22.72 -15.57 2.31
CA GLU A 37 21.48 -15.63 3.09
C GLU A 37 20.86 -17.02 2.95
N LEU A 38 20.79 -17.52 1.73
CA LEU A 38 20.23 -18.85 1.49
C LEU A 38 21.09 -19.96 2.10
N GLU A 39 22.41 -19.79 2.10
CA GLU A 39 23.31 -20.79 2.67
C GLU A 39 22.99 -20.89 4.16
N GLY A 40 22.84 -19.74 4.80
CA GLY A 40 22.55 -19.69 6.22
C GLY A 40 21.21 -20.33 6.57
N LYS A 41 20.20 -20.07 5.75
CA LYS A 41 18.87 -20.62 6.00
C LYS A 41 18.88 -22.14 5.89
N VAL A 42 19.55 -22.66 4.88
CA VAL A 42 19.63 -24.11 4.69
C VAL A 42 20.43 -24.77 5.82
N ALA A 43 21.52 -24.12 6.23
CA ALA A 43 22.33 -24.64 7.31
C ALA A 43 21.48 -24.70 8.59
N ASP A 44 20.69 -23.66 8.85
CA ASP A 44 19.84 -23.63 10.03
C ASP A 44 18.82 -24.76 10.01
N SER A 45 18.19 -24.96 8.86
CA SER A 45 17.20 -26.00 8.71
C SER A 45 17.80 -27.39 8.88
N LEU A 46 19.00 -27.60 8.33
CA LEU A 46 19.65 -28.90 8.44
C LEU A 46 20.09 -29.26 9.86
N SER A 47 20.48 -28.26 10.64
CA SER A 47 20.94 -28.51 12.00
C SER A 47 19.80 -28.63 13.01
N SER A 48 18.61 -28.20 12.63
CA SER A 48 17.47 -28.25 13.55
C SER A 48 16.39 -29.23 13.15
N ILE A 49 16.49 -29.80 11.95
CA ILE A 49 15.47 -30.73 11.50
C ILE A 49 15.42 -31.99 12.39
N SER A 50 14.22 -32.47 12.67
CA SER A 50 14.05 -33.68 13.47
C SER A 50 14.50 -34.86 12.62
N SER A 51 15.42 -35.67 13.15
CA SER A 51 15.93 -36.81 12.42
C SER A 51 15.88 -38.10 13.24
N GLN A 52 14.86 -38.22 14.08
CA GLN A 52 14.68 -39.40 14.91
C GLN A 52 13.69 -40.31 14.20
N ALA A 53 13.42 -41.48 14.79
CA ALA A 53 12.47 -42.43 14.21
C ALA A 53 11.06 -41.91 14.44
N ASP A 54 10.16 -42.19 13.48
CA ASP A 54 8.77 -41.75 13.54
C ASP A 54 8.57 -40.46 14.31
N ARG A 55 9.01 -39.36 13.70
CA ARG A 55 8.90 -38.03 14.28
C ARG A 55 7.47 -37.50 14.22
N ILE A 56 7.22 -36.43 14.95
CA ILE A 56 5.90 -35.81 15.00
C ILE A 56 5.89 -34.51 14.19
N TYR A 57 7.07 -34.00 13.88
CA TYR A 57 7.21 -32.78 13.11
C TYR A 57 8.61 -32.68 12.54
N LEU A 58 8.75 -31.90 11.47
CA LEU A 58 10.05 -31.72 10.86
C LEU A 58 10.84 -30.65 11.61
N TRP A 59 10.15 -29.57 12.01
CA TRP A 59 10.79 -28.49 12.75
C TRP A 59 9.89 -28.06 13.90
N GLU A 60 10.46 -27.99 15.10
CA GLU A 60 9.70 -27.61 16.28
C GLU A 60 9.06 -26.21 16.17
N LYS A 61 9.77 -25.28 15.55
CA LYS A 61 9.26 -23.91 15.40
C LYS A 61 7.95 -23.92 14.60
N PHE A 62 7.76 -24.95 13.80
CA PHE A 62 6.55 -25.09 12.98
C PHE A 62 6.02 -26.52 13.17
N SER A 63 5.81 -26.88 14.43
CA SER A 63 5.34 -28.22 14.79
C SER A 63 3.83 -28.43 14.84
N ASN A 64 3.08 -27.42 15.28
CA ASN A 64 1.63 -27.56 15.36
C ASN A 64 0.98 -27.39 14.00
N TYR A 65 0.69 -28.51 13.35
CA TYR A 65 0.08 -28.50 12.02
C TYR A 65 -1.40 -28.13 12.03
N LYS A 66 -1.89 -27.66 13.16
CA LYS A 66 -3.29 -27.22 13.27
C LYS A 66 -3.29 -25.79 12.77
N THR A 67 -2.15 -25.12 12.95
CA THR A 67 -1.94 -23.76 12.49
C THR A 67 -1.47 -23.94 11.03
N SER A 68 -2.35 -23.65 10.08
CA SER A 68 -2.03 -23.81 8.67
C SER A 68 -0.74 -23.14 8.22
N ALA A 69 -0.36 -22.06 8.91
CA ALA A 69 0.86 -21.34 8.56
C ALA A 69 2.11 -22.22 8.66
N ASN A 70 2.05 -23.24 9.51
CA ASN A 70 3.16 -24.16 9.71
C ASN A 70 3.40 -25.09 8.52
N LEU A 71 2.37 -25.33 7.71
CA LEU A 71 2.56 -26.19 6.54
C LEU A 71 3.36 -25.42 5.50
N THR A 72 2.93 -24.19 5.22
CA THR A 72 3.59 -23.34 4.23
C THR A 72 5.03 -23.05 4.63
N ALA A 73 5.24 -22.77 5.92
CA ALA A 73 6.57 -22.48 6.44
C ALA A 73 7.51 -23.67 6.27
N THR A 74 6.97 -24.87 6.50
CA THR A 74 7.75 -26.09 6.39
C THR A 74 8.17 -26.32 4.95
N TYR A 75 7.22 -26.27 4.03
CA TYR A 75 7.51 -26.49 2.63
C TYR A 75 8.45 -25.41 2.06
N ARG A 76 8.36 -24.19 2.58
CA ARG A 76 9.23 -23.12 2.10
C ARG A 76 10.68 -23.35 2.49
N LYS A 77 10.89 -24.15 3.55
CA LYS A 77 12.23 -24.48 4.01
C LYS A 77 12.83 -25.49 3.03
N LEU A 78 11.96 -26.29 2.43
CA LEU A 78 12.39 -27.30 1.46
C LEU A 78 12.69 -26.61 0.13
N GLU A 79 11.97 -25.54 -0.17
CA GLU A 79 12.20 -24.80 -1.41
C GLU A 79 13.56 -24.13 -1.35
N GLU A 80 13.95 -23.67 -0.16
CA GLU A 80 15.25 -23.03 0.01
C GLU A 80 16.35 -24.06 -0.25
N MET A 81 16.14 -25.29 0.23
CA MET A 81 17.11 -26.37 0.01
C MET A 81 17.22 -26.70 -1.47
N ALA A 82 16.09 -26.71 -2.16
CA ALA A 82 16.08 -27.02 -3.59
C ALA A 82 16.88 -25.99 -4.38
N LYS A 83 16.77 -24.72 -3.99
CA LYS A 83 17.50 -23.64 -4.66
C LYS A 83 19.01 -23.81 -4.55
N GLN A 84 19.49 -24.13 -3.34
CA GLN A 84 20.92 -24.28 -3.10
C GLN A 84 21.51 -25.59 -3.63
N VAL A 85 20.73 -26.66 -3.60
CA VAL A 85 21.23 -27.93 -4.08
C VAL A 85 21.43 -27.87 -5.59
N THR A 86 20.79 -26.90 -6.24
CA THR A 86 20.92 -26.74 -7.67
C THR A 86 21.77 -25.52 -8.04
N ASN A 87 22.44 -24.94 -7.04
CA ASN A 87 23.29 -23.78 -7.27
C ASN A 87 24.75 -24.26 -7.22
N PRO A 88 25.43 -24.28 -8.37
CA PRO A 88 26.82 -24.71 -8.46
C PRO A 88 27.80 -24.08 -7.48
N SER A 89 27.51 -22.86 -7.06
CA SER A 89 28.36 -22.13 -6.12
C SER A 89 28.04 -22.37 -4.66
N SER A 90 26.94 -23.08 -4.39
CA SER A 90 26.53 -23.37 -3.02
C SER A 90 27.31 -24.53 -2.42
N ARG A 91 27.51 -24.48 -1.10
CA ARG A 91 28.24 -25.54 -0.43
C ARG A 91 27.37 -26.78 -0.40
N TYR A 92 26.10 -26.61 -0.74
CA TYR A 92 25.15 -27.71 -0.74
C TYR A 92 24.87 -28.23 -2.15
N TYR A 93 25.63 -27.76 -3.13
CA TYR A 93 25.42 -28.19 -4.50
C TYR A 93 25.50 -29.71 -4.67
N GLN A 94 24.38 -30.29 -5.09
CA GLN A 94 24.27 -31.72 -5.29
C GLN A 94 24.66 -32.54 -4.07
N ASP A 95 24.57 -31.93 -2.89
CA ASP A 95 24.89 -32.62 -1.65
C ASP A 95 23.95 -33.79 -1.42
N GLU A 96 24.50 -34.97 -1.13
CA GLU A 96 23.69 -36.17 -0.91
C GLU A 96 22.70 -36.11 0.24
N THR A 97 23.06 -35.45 1.34
CA THR A 97 22.13 -35.35 2.46
C THR A 97 20.99 -34.39 2.13
N VAL A 98 21.30 -33.28 1.47
CA VAL A 98 20.26 -32.32 1.12
C VAL A 98 19.29 -32.91 0.10
N VAL A 99 19.79 -33.64 -0.88
CA VAL A 99 18.92 -34.25 -1.88
C VAL A 99 17.97 -35.24 -1.22
N ARG A 100 18.48 -36.09 -0.33
CA ARG A 100 17.65 -37.07 0.35
C ARG A 100 16.72 -36.42 1.37
N THR A 101 17.16 -35.32 1.98
CA THR A 101 16.30 -34.65 2.97
C THR A 101 15.05 -34.10 2.31
N VAL A 102 15.21 -33.46 1.17
CA VAL A 102 14.09 -32.89 0.44
C VAL A 102 13.14 -34.02 0.04
N ARG A 103 13.68 -35.05 -0.59
CA ARG A 103 12.87 -36.19 -1.00
C ARG A 103 12.15 -36.83 0.18
N ASP A 104 12.90 -37.14 1.24
CA ASP A 104 12.30 -37.74 2.42
C ASP A 104 11.28 -36.83 3.08
N SER A 105 11.56 -35.53 3.09
CA SER A 105 10.65 -34.57 3.71
C SER A 105 9.35 -34.45 2.93
N MET A 106 9.43 -34.51 1.60
CA MET A 106 8.22 -34.42 0.79
C MET A 106 7.34 -35.61 1.09
N GLU A 107 7.98 -36.77 1.22
CA GLU A 107 7.27 -38.02 1.51
C GLU A 107 6.61 -37.98 2.88
N TRP A 108 7.35 -37.56 3.91
CA TRP A 108 6.80 -37.50 5.25
C TRP A 108 5.58 -36.59 5.32
N MET A 109 5.71 -35.36 4.83
CA MET A 109 4.60 -34.41 4.85
C MET A 109 3.40 -34.96 4.09
N HIS A 110 3.68 -35.65 3.00
CA HIS A 110 2.65 -36.23 2.17
C HIS A 110 1.87 -37.33 2.91
N LYS A 111 2.59 -38.14 3.67
CA LYS A 111 1.96 -39.23 4.43
C LYS A 111 1.28 -38.84 5.72
N HIS A 112 1.79 -37.82 6.41
CA HIS A 112 1.19 -37.45 7.69
C HIS A 112 0.60 -36.06 7.83
N VAL A 113 0.82 -35.17 6.87
CA VAL A 113 0.28 -33.83 7.04
C VAL A 113 -0.54 -33.20 5.93
N TYR A 114 -0.07 -33.33 4.69
CA TYR A 114 -0.76 -32.69 3.58
C TYR A 114 -1.00 -33.62 2.40
N ASN A 115 -2.22 -34.15 2.28
CA ASN A 115 -2.57 -35.04 1.18
C ASN A 115 -4.06 -34.93 0.87
N SER A 116 -4.48 -35.59 -0.21
CA SER A 116 -5.87 -35.56 -0.66
C SER A 116 -6.93 -35.97 0.36
N GLU A 117 -6.55 -36.78 1.34
CA GLU A 117 -7.50 -37.24 2.35
C GLU A 117 -7.70 -36.23 3.47
N LYS A 118 -6.93 -35.14 3.42
CA LYS A 118 -7.03 -34.10 4.45
C LYS A 118 -8.03 -32.99 4.09
N SER A 119 -8.41 -32.21 5.09
CA SER A 119 -9.34 -31.10 4.90
C SER A 119 -8.71 -29.83 5.46
N ILE A 120 -9.13 -28.69 4.94
CA ILE A 120 -8.59 -27.42 5.39
C ILE A 120 -8.80 -27.20 6.89
N VAL A 121 -7.70 -26.94 7.59
CA VAL A 121 -7.76 -26.69 9.01
C VAL A 121 -6.98 -25.42 9.25
N GLY A 122 -7.69 -24.35 9.59
CA GLY A 122 -7.06 -23.07 9.80
C GLY A 122 -7.39 -22.16 8.65
N ASN A 123 -6.33 -21.66 8.03
CA ASN A 123 -6.43 -20.73 6.94
C ASN A 123 -6.37 -21.42 5.56
N TRP A 124 -7.44 -21.26 4.77
CA TRP A 124 -7.52 -21.84 3.44
C TRP A 124 -6.35 -21.43 2.53
N TRP A 125 -5.86 -20.22 2.71
CA TRP A 125 -4.78 -19.68 1.91
C TRP A 125 -3.54 -20.57 1.88
N ASP A 126 -3.23 -21.17 3.01
CA ASP A 126 -2.07 -22.05 3.13
C ASP A 126 -2.29 -23.34 2.34
N TYR A 127 -3.51 -23.87 2.39
CA TYR A 127 -3.85 -25.11 1.70
C TYR A 127 -3.99 -24.99 0.19
N GLU A 128 -4.37 -23.80 -0.29
CA GLU A 128 -4.59 -23.59 -1.71
C GLU A 128 -3.58 -22.73 -2.46
N ILE A 129 -2.82 -21.91 -1.74
CA ILE A 129 -1.86 -21.03 -2.39
C ILE A 129 -0.44 -21.14 -1.81
N GLY A 130 -0.31 -20.81 -0.53
CA GLY A 130 0.99 -20.87 0.11
C GLY A 130 1.73 -22.18 -0.09
N THR A 131 1.13 -23.28 0.38
CA THR A 131 1.78 -24.58 0.27
C THR A 131 1.92 -25.10 -1.17
N PRO A 132 0.85 -25.03 -1.99
CA PRO A 132 0.98 -25.53 -3.36
C PRO A 132 2.10 -24.84 -4.14
N ARG A 133 2.28 -23.54 -3.91
CA ARG A 133 3.33 -22.80 -4.60
C ARG A 133 4.71 -23.28 -4.17
N ALA A 134 4.87 -23.51 -2.87
CA ALA A 134 6.15 -23.99 -2.34
C ALA A 134 6.46 -25.38 -2.87
N ILE A 135 5.42 -26.21 -2.99
CA ILE A 135 5.60 -27.56 -3.51
C ILE A 135 5.95 -27.51 -4.99
N ASN A 136 5.27 -26.65 -5.74
CA ASN A 136 5.54 -26.52 -7.17
C ASN A 136 6.98 -26.10 -7.43
N ASN A 137 7.41 -25.06 -6.74
CA ASN A 137 8.77 -24.57 -6.92
C ASN A 137 9.84 -25.58 -6.52
N THR A 138 9.60 -26.33 -5.45
CA THR A 138 10.55 -27.32 -4.98
C THR A 138 10.71 -28.43 -6.02
N LEU A 139 9.59 -28.92 -6.55
CA LEU A 139 9.61 -29.98 -7.54
C LEU A 139 10.18 -29.51 -8.87
N SER A 140 9.92 -28.25 -9.20
CA SER A 140 10.39 -27.67 -10.45
C SER A 140 11.92 -27.54 -10.42
N LEU A 141 12.44 -26.99 -9.33
CA LEU A 141 13.88 -26.80 -9.17
C LEU A 141 14.62 -28.13 -9.15
N MET A 142 14.06 -29.11 -8.44
CA MET A 142 14.67 -30.43 -8.32
C MET A 142 14.02 -31.51 -9.16
N LYS A 143 13.50 -31.14 -10.33
CA LYS A 143 12.84 -32.12 -11.19
C LYS A 143 13.76 -33.22 -11.71
N GLU A 144 15.07 -33.00 -11.66
CA GLU A 144 16.01 -34.02 -12.15
C GLU A 144 16.35 -35.05 -11.07
N TYR A 145 15.69 -34.95 -9.92
CA TYR A 145 15.90 -35.86 -8.81
C TYR A 145 14.63 -36.62 -8.46
N PHE A 146 13.52 -36.24 -9.09
CA PHE A 146 12.22 -36.86 -8.84
C PHE A 146 11.72 -37.50 -10.13
N SER A 147 10.96 -38.58 -10.01
CA SER A 147 10.41 -39.26 -11.17
C SER A 147 9.07 -38.59 -11.48
N ASP A 148 8.63 -38.67 -12.72
CA ASP A 148 7.35 -38.06 -13.06
C ASP A 148 6.23 -38.62 -12.20
N GLU A 149 6.36 -39.88 -11.80
CA GLU A 149 5.33 -40.51 -10.97
C GLU A 149 5.29 -39.86 -9.58
N GLU A 150 6.48 -39.59 -9.02
CA GLU A 150 6.56 -38.96 -7.70
C GLU A 150 6.03 -37.53 -7.77
N ILE A 151 6.36 -36.85 -8.86
CA ILE A 151 5.92 -35.47 -9.07
C ILE A 151 4.40 -35.40 -9.10
N LYS A 152 3.78 -36.34 -9.80
CA LYS A 152 2.32 -36.36 -9.90
C LYS A 152 1.75 -36.72 -8.53
N LYS A 153 2.41 -37.65 -7.84
CA LYS A 153 1.96 -38.07 -6.52
C LYS A 153 1.92 -36.89 -5.55
N TYR A 154 3.00 -36.11 -5.55
CA TYR A 154 3.08 -34.97 -4.64
C TYR A 154 2.23 -33.77 -5.00
N THR A 155 1.72 -33.73 -6.23
CA THR A 155 0.87 -32.62 -6.65
C THR A 155 -0.62 -32.98 -6.72
N ASP A 156 -0.94 -34.25 -6.51
CA ASP A 156 -2.33 -34.71 -6.53
C ASP A 156 -3.14 -33.92 -5.50
N VAL A 157 -2.53 -33.68 -4.35
CA VAL A 157 -3.19 -32.94 -3.27
C VAL A 157 -3.59 -31.54 -3.73
N ILE A 158 -2.73 -30.92 -4.54
CA ILE A 158 -3.00 -29.58 -5.05
C ILE A 158 -4.29 -29.58 -5.88
N GLU A 159 -4.48 -30.63 -6.67
CA GLU A 159 -5.67 -30.74 -7.51
C GLU A 159 -6.91 -31.00 -6.65
N LYS A 160 -6.72 -31.66 -5.52
CA LYS A 160 -7.83 -31.96 -4.64
C LYS A 160 -8.36 -30.67 -4.00
N PHE A 161 -7.45 -29.79 -3.60
CA PHE A 161 -7.85 -28.54 -2.96
C PHE A 161 -8.14 -27.42 -3.95
N VAL A 162 -7.49 -27.44 -5.11
CA VAL A 162 -7.71 -26.40 -6.11
C VAL A 162 -7.94 -26.99 -7.50
N PRO A 163 -9.10 -27.65 -7.70
CA PRO A 163 -9.39 -28.25 -9.00
C PRO A 163 -9.96 -27.27 -10.03
N ASP A 164 -10.56 -26.19 -9.52
CA ASP A 164 -11.19 -25.18 -10.37
C ASP A 164 -10.43 -23.85 -10.41
N PRO A 165 -9.88 -23.50 -11.58
CA PRO A 165 -9.11 -22.26 -11.78
C PRO A 165 -9.90 -20.95 -11.65
N GLU A 166 -11.21 -21.04 -11.46
CA GLU A 166 -12.03 -19.84 -11.33
C GLU A 166 -12.48 -19.58 -9.90
N HIS A 167 -12.30 -20.56 -9.02
CA HIS A 167 -12.70 -20.41 -7.63
C HIS A 167 -11.69 -20.91 -6.61
N PHE A 168 -11.77 -20.37 -5.41
CA PHE A 168 -10.94 -20.80 -4.30
C PHE A 168 -11.90 -21.30 -3.22
N ARG A 169 -11.36 -21.98 -2.21
CA ARG A 169 -12.18 -22.55 -1.13
C ARG A 169 -13.24 -23.49 -1.67
N LYS A 170 -12.93 -24.17 -2.77
CA LYS A 170 -13.88 -25.08 -3.38
C LYS A 170 -14.27 -26.28 -2.53
N THR A 171 -13.38 -26.72 -1.63
CA THR A 171 -13.68 -27.86 -0.77
C THR A 171 -14.36 -27.44 0.53
N THR A 172 -14.66 -26.15 0.66
CA THR A 172 -15.32 -25.65 1.85
C THR A 172 -16.81 -25.41 1.57
N ASP A 173 -17.52 -24.94 2.58
CA ASP A 173 -18.94 -24.66 2.44
C ASP A 173 -19.19 -23.20 2.07
N ASN A 174 -18.21 -22.59 1.42
CA ASN A 174 -18.32 -21.19 1.00
C ASN A 174 -17.18 -20.76 0.09
N PRO A 175 -17.14 -21.31 -1.14
CA PRO A 175 -16.10 -20.97 -2.11
C PRO A 175 -16.29 -19.53 -2.57
N PHE A 176 -15.34 -18.99 -3.32
CA PHE A 176 -15.45 -17.64 -3.83
C PHE A 176 -14.77 -17.51 -5.19
N LYS A 177 -15.25 -16.59 -6.01
CA LYS A 177 -14.69 -16.38 -7.33
C LYS A 177 -13.35 -15.67 -7.21
N ALA A 178 -12.34 -16.24 -7.88
CA ALA A 178 -11.00 -15.69 -7.83
C ALA A 178 -10.82 -14.51 -8.79
N LEU A 179 -10.28 -13.41 -8.26
CA LEU A 179 -10.02 -12.22 -9.06
C LEU A 179 -8.76 -11.54 -8.54
N GLY A 180 -8.31 -10.52 -9.24
CA GLY A 180 -7.13 -9.78 -8.82
C GLY A 180 -5.90 -10.56 -8.41
N GLY A 181 -5.30 -10.14 -7.29
CA GLY A 181 -4.11 -10.81 -6.79
C GLY A 181 -4.25 -12.31 -6.60
N ASN A 182 -5.33 -12.72 -5.93
CA ASN A 182 -5.58 -14.14 -5.70
C ASN A 182 -5.70 -14.90 -7.00
N LEU A 183 -6.26 -14.26 -8.02
CA LEU A 183 -6.41 -14.92 -9.32
C LEU A 183 -5.04 -15.12 -9.93
N VAL A 184 -4.12 -14.20 -9.68
CA VAL A 184 -2.78 -14.34 -10.22
C VAL A 184 -2.09 -15.50 -9.51
N ASP A 185 -2.29 -15.61 -8.20
CA ASP A 185 -1.69 -16.71 -7.46
C ASP A 185 -2.27 -18.04 -7.93
N MET A 186 -3.51 -18.00 -8.42
CA MET A 186 -4.16 -19.20 -8.94
C MET A 186 -3.29 -19.70 -10.09
N GLY A 187 -2.70 -18.76 -10.82
CA GLY A 187 -1.85 -19.11 -11.93
C GLY A 187 -0.53 -19.71 -11.47
N ARG A 188 0.06 -19.14 -10.43
CA ARG A 188 1.33 -19.66 -9.92
C ARG A 188 1.14 -21.05 -9.32
N VAL A 189 -0.12 -21.39 -9.04
CA VAL A 189 -0.48 -22.68 -8.48
C VAL A 189 -0.81 -23.71 -9.56
N LYS A 190 -1.81 -23.42 -10.38
CA LYS A 190 -2.22 -24.36 -11.43
C LYS A 190 -1.46 -24.34 -12.74
N VAL A 191 -0.85 -23.22 -13.12
CA VAL A 191 -0.11 -23.23 -14.37
C VAL A 191 1.17 -24.05 -14.17
N ILE A 192 1.84 -23.85 -13.04
CA ILE A 192 3.07 -24.58 -12.77
C ILE A 192 2.76 -26.05 -12.48
N ALA A 193 1.72 -26.31 -11.70
CA ALA A 193 1.33 -27.69 -11.39
C ALA A 193 0.96 -28.36 -12.70
N GLY A 194 0.39 -27.57 -13.61
CA GLY A 194 0.01 -28.09 -14.91
C GLY A 194 1.23 -28.54 -15.70
N LEU A 195 2.28 -27.72 -15.66
CA LEU A 195 3.51 -28.06 -16.37
C LEU A 195 4.14 -29.29 -15.73
N LEU A 196 4.16 -29.33 -14.41
CA LEU A 196 4.74 -30.45 -13.68
C LEU A 196 4.01 -31.76 -13.98
N ARG A 197 2.68 -31.68 -14.08
CA ARG A 197 1.86 -32.86 -14.35
C ARG A 197 1.65 -33.10 -15.84
N LYS A 198 2.26 -32.25 -16.67
CA LYS A 198 2.14 -32.36 -18.13
C LYS A 198 0.67 -32.42 -18.53
N ASP A 199 -0.13 -31.57 -17.90
CA ASP A 199 -1.58 -31.50 -18.13
C ASP A 199 -1.93 -30.27 -18.97
N ASP A 200 -2.15 -30.47 -20.27
CA ASP A 200 -2.49 -29.37 -21.16
C ASP A 200 -3.79 -28.66 -20.79
N GLN A 201 -4.79 -29.43 -20.38
CA GLN A 201 -6.08 -28.85 -20.04
C GLN A 201 -5.97 -27.92 -18.83
N GLU A 202 -5.17 -28.30 -17.85
CA GLU A 202 -4.99 -27.48 -16.67
C GLU A 202 -4.31 -26.17 -17.02
N ILE A 203 -3.31 -26.26 -17.88
CA ILE A 203 -2.56 -25.09 -18.31
C ILE A 203 -3.43 -24.09 -19.08
N SER A 204 -4.13 -24.58 -20.11
CA SER A 204 -4.98 -23.73 -20.93
C SER A 204 -6.14 -23.11 -20.17
N SER A 205 -6.86 -23.93 -19.40
CA SER A 205 -8.00 -23.44 -18.65
C SER A 205 -7.59 -22.42 -17.58
N THR A 206 -6.39 -22.60 -17.02
CA THR A 206 -5.94 -21.66 -16.00
C THR A 206 -5.55 -20.33 -16.63
N ILE A 207 -4.85 -20.37 -17.77
CA ILE A 207 -4.47 -19.14 -18.43
C ILE A 207 -5.73 -18.37 -18.82
N ARG A 208 -6.72 -19.11 -19.33
CA ARG A 208 -8.01 -18.53 -19.73
C ARG A 208 -8.60 -17.76 -18.56
N SER A 209 -8.63 -18.40 -17.40
CA SER A 209 -9.19 -17.78 -16.19
C SER A 209 -8.41 -16.53 -15.80
N ILE A 210 -7.08 -16.62 -15.90
CA ILE A 210 -6.19 -15.51 -15.55
C ILE A 210 -6.51 -14.23 -16.33
N GLU A 211 -6.81 -14.37 -17.61
CA GLU A 211 -7.09 -13.22 -18.45
C GLU A 211 -8.16 -12.26 -17.93
N GLN A 212 -8.95 -12.70 -16.95
CA GLN A 212 -10.00 -11.86 -16.39
C GLN A 212 -9.38 -10.65 -15.72
N VAL A 213 -8.14 -10.81 -15.27
CA VAL A 213 -7.43 -9.76 -14.57
C VAL A 213 -7.17 -8.49 -15.39
N PHE A 214 -7.28 -8.60 -16.71
CA PHE A 214 -7.03 -7.47 -17.59
C PHE A 214 -8.24 -6.58 -17.82
N LYS A 215 -9.40 -7.01 -17.34
CA LYS A 215 -10.62 -6.23 -17.55
C LYS A 215 -10.84 -5.09 -16.59
N LEU A 216 -11.33 -3.99 -17.13
CA LEU A 216 -11.64 -2.78 -16.36
C LEU A 216 -13.01 -3.01 -15.76
N VAL A 217 -13.15 -2.76 -14.45
CA VAL A 217 -14.42 -2.96 -13.80
C VAL A 217 -15.03 -1.65 -13.34
N ASP A 218 -16.33 -1.64 -13.09
CA ASP A 218 -17.00 -0.44 -12.62
C ASP A 218 -17.72 -0.74 -11.32
N GLN A 219 -17.45 -1.92 -10.77
CA GLN A 219 -18.06 -2.36 -9.52
C GLN A 219 -17.32 -3.61 -9.04
N GLY A 220 -17.31 -3.86 -7.74
CA GLY A 220 -16.63 -5.04 -7.23
C GLY A 220 -15.12 -4.93 -7.15
N GLU A 221 -14.44 -6.08 -7.12
CA GLU A 221 -12.98 -6.11 -7.02
C GLU A 221 -12.30 -5.97 -8.38
N GLY A 222 -11.13 -5.33 -8.38
CA GLY A 222 -10.38 -5.13 -9.61
C GLY A 222 -9.95 -3.67 -9.81
N PHE A 223 -9.49 -3.37 -11.02
CA PHE A 223 -9.04 -2.02 -11.37
C PHE A 223 -10.17 -1.20 -11.98
N TYR A 224 -10.22 0.08 -11.63
CA TYR A 224 -11.23 0.98 -12.17
C TYR A 224 -10.58 1.95 -13.15
N GLN A 225 -11.38 2.62 -13.97
CA GLN A 225 -10.83 3.55 -14.95
C GLN A 225 -10.08 4.71 -14.30
N ASP A 226 -10.42 5.06 -13.05
CA ASP A 226 -9.72 6.17 -12.39
C ASP A 226 -8.45 5.72 -11.68
N GLY A 227 -8.08 4.45 -11.84
CA GLY A 227 -6.88 3.93 -11.22
C GLY A 227 -7.06 3.21 -9.90
N SER A 228 -8.23 3.32 -9.31
CA SER A 228 -8.49 2.65 -8.05
C SER A 228 -8.41 1.15 -8.18
N TYR A 229 -8.06 0.48 -7.07
CA TYR A 229 -8.01 -0.97 -7.05
C TYR A 229 -8.68 -1.43 -5.76
N ILE A 230 -9.72 -2.23 -5.92
CA ILE A 230 -10.49 -2.75 -4.79
C ILE A 230 -10.32 -4.25 -4.67
N ASP A 231 -10.29 -4.74 -3.44
CA ASP A 231 -10.22 -6.18 -3.19
C ASP A 231 -11.00 -6.43 -1.91
N HIS A 232 -11.26 -7.69 -1.59
CA HIS A 232 -12.02 -8.00 -0.40
C HIS A 232 -13.34 -7.23 -0.39
N THR A 233 -14.08 -7.37 -1.49
CA THR A 233 -15.37 -6.75 -1.66
C THR A 233 -15.37 -5.23 -1.79
N ASN A 234 -14.79 -4.53 -0.81
CA ASN A 234 -14.82 -3.08 -0.87
C ASN A 234 -13.71 -2.36 -0.11
N VAL A 235 -12.49 -2.89 -0.18
CA VAL A 235 -11.36 -2.28 0.52
C VAL A 235 -10.32 -1.75 -0.47
N ALA A 236 -9.82 -0.54 -0.23
CA ALA A 236 -8.79 0.04 -1.09
C ALA A 236 -7.57 -0.85 -0.86
N TYR A 237 -7.06 -1.48 -1.92
CA TYR A 237 -5.95 -2.40 -1.75
C TYR A 237 -4.85 -2.45 -2.83
N THR A 238 -4.63 -1.35 -3.54
CA THR A 238 -3.60 -1.36 -4.57
C THR A 238 -2.24 -1.80 -4.03
N GLY A 239 -1.90 -1.32 -2.84
CA GLY A 239 -0.60 -1.62 -2.24
C GLY A 239 -0.31 -2.92 -1.52
N ALA A 240 -1.21 -3.90 -1.64
CA ALA A 240 -0.97 -5.18 -1.01
C ALA A 240 -1.44 -6.25 -1.98
N TYR A 241 -2.73 -6.32 -2.27
CA TYR A 241 -3.20 -7.34 -3.23
C TYR A 241 -2.81 -6.93 -4.64
N GLY A 242 -2.73 -5.63 -4.86
CA GLY A 242 -2.33 -5.15 -6.17
C GLY A 242 -0.89 -5.57 -6.36
N ASN A 243 -0.11 -5.54 -5.28
CA ASN A 243 1.29 -5.93 -5.33
C ASN A 243 1.41 -7.36 -5.79
N VAL A 244 0.65 -8.25 -5.14
CA VAL A 244 0.65 -9.66 -5.49
C VAL A 244 0.30 -9.85 -6.95
N LEU A 245 -0.68 -9.09 -7.41
CA LEU A 245 -1.12 -9.19 -8.80
C LEU A 245 0.02 -8.89 -9.77
N ILE A 246 0.67 -7.74 -9.62
CA ILE A 246 1.75 -7.39 -10.53
C ILE A 246 3.04 -8.18 -10.27
N ASP A 247 3.29 -8.52 -9.03
CA ASP A 247 4.49 -9.26 -8.66
C ASP A 247 4.38 -10.69 -9.23
N GLY A 248 3.24 -11.34 -8.99
CA GLY A 248 3.04 -12.69 -9.47
C GLY A 248 2.84 -12.81 -10.97
N LEU A 249 2.08 -11.88 -11.55
CA LEU A 249 1.83 -11.91 -12.98
C LEU A 249 3.12 -11.68 -13.77
N SER A 250 3.97 -10.77 -13.29
CA SER A 250 5.23 -10.48 -13.98
C SER A 250 6.18 -11.68 -13.98
N GLN A 251 6.02 -12.58 -13.01
CA GLN A 251 6.86 -13.79 -12.94
C GLN A 251 6.35 -14.86 -13.92
N LEU A 252 5.04 -14.95 -14.05
CA LEU A 252 4.39 -15.92 -14.91
C LEU A 252 4.43 -15.60 -16.40
N LEU A 253 4.25 -14.33 -16.74
CA LEU A 253 4.23 -13.95 -18.14
C LEU A 253 5.23 -14.58 -19.09
N PRO A 254 6.54 -14.54 -18.75
CA PRO A 254 7.54 -15.14 -19.64
C PRO A 254 7.25 -16.61 -19.97
N VAL A 255 6.74 -17.34 -18.99
CA VAL A 255 6.40 -18.74 -19.16
C VAL A 255 5.13 -18.89 -20.00
N ILE A 256 4.08 -18.15 -19.61
CA ILE A 256 2.80 -18.20 -20.31
C ILE A 256 2.90 -17.87 -21.79
N GLN A 257 3.70 -16.86 -22.13
CA GLN A 257 3.84 -16.45 -23.52
C GLN A 257 4.57 -17.46 -24.39
N LYS A 258 5.14 -18.49 -23.76
CA LYS A 258 5.85 -19.52 -24.51
C LYS A 258 5.08 -20.83 -24.55
N THR A 259 3.90 -20.84 -23.96
CA THR A 259 3.08 -22.04 -23.96
C THR A 259 2.23 -22.02 -25.24
N LYS A 260 1.39 -23.03 -25.41
CA LYS A 260 0.53 -23.13 -26.59
C LYS A 260 -0.73 -22.31 -26.38
N ASN A 261 -0.78 -21.55 -25.29
CA ASN A 261 -1.92 -20.72 -24.98
C ASN A 261 -1.47 -19.30 -24.60
N PRO A 262 -0.59 -18.69 -25.41
CA PRO A 262 -0.13 -17.33 -25.12
C PRO A 262 -1.26 -16.32 -24.99
N ILE A 263 -1.03 -15.28 -24.18
CA ILE A 263 -2.02 -14.24 -23.97
C ILE A 263 -1.87 -13.15 -25.03
N ASP A 264 -2.97 -12.79 -25.68
CA ASP A 264 -2.95 -11.77 -26.73
C ASP A 264 -2.18 -10.53 -26.32
N LYS A 265 -1.12 -10.22 -27.06
CA LYS A 265 -0.28 -9.07 -26.78
C LYS A 265 -0.98 -7.77 -27.10
N ASP A 266 -2.04 -7.48 -26.35
CA ASP A 266 -2.82 -6.27 -26.55
C ASP A 266 -3.14 -5.82 -25.13
N LYS A 267 -3.10 -6.79 -24.24
CA LYS A 267 -3.40 -6.59 -22.84
C LYS A 267 -2.20 -6.12 -22.04
N MET A 268 -1.03 -6.10 -22.66
CA MET A 268 0.16 -5.61 -21.96
C MET A 268 0.00 -4.11 -21.87
N GLN A 269 -0.76 -3.54 -22.80
CA GLN A 269 -1.03 -2.11 -22.80
C GLN A 269 -1.84 -1.81 -21.56
N THR A 270 -2.67 -2.78 -21.16
CA THR A 270 -3.50 -2.66 -19.97
C THR A 270 -2.64 -2.69 -18.72
N MET A 271 -1.56 -3.48 -18.77
CA MET A 271 -0.64 -3.56 -17.64
C MET A 271 0.08 -2.23 -17.50
N TYR A 272 0.51 -1.67 -18.63
CA TYR A 272 1.23 -0.41 -18.62
C TYR A 272 0.35 0.66 -18.02
N HIS A 273 -0.95 0.55 -18.24
CA HIS A 273 -1.89 1.50 -17.70
C HIS A 273 -1.96 1.35 -16.18
N TRP A 274 -2.01 0.11 -15.69
CA TRP A 274 -2.05 -0.11 -14.25
C TRP A 274 -0.85 0.59 -13.62
N ILE A 275 0.33 0.39 -14.21
CA ILE A 275 1.56 0.96 -13.71
C ILE A 275 1.52 2.48 -13.58
N ASP A 276 1.14 3.15 -14.66
CA ASP A 276 1.09 4.60 -14.68
C ASP A 276 -0.06 5.23 -13.91
N LYS A 277 -1.25 4.66 -14.06
CA LYS A 277 -2.45 5.19 -13.42
C LYS A 277 -2.70 4.71 -11.98
N SER A 278 -2.37 3.46 -11.68
CA SER A 278 -2.65 2.91 -10.34
C SER A 278 -1.52 2.82 -9.33
N PHE A 279 -0.36 2.34 -9.78
CA PHE A 279 0.79 2.14 -8.90
C PHE A 279 1.72 3.33 -8.71
N ALA A 280 2.20 3.87 -9.81
CA ALA A 280 3.12 5.01 -9.80
C ALA A 280 2.75 6.13 -8.82
N PRO A 281 1.48 6.59 -8.83
CA PRO A 281 1.06 7.68 -7.92
C PRO A 281 1.24 7.37 -6.43
N LEU A 282 1.18 6.10 -6.07
CA LEU A 282 1.32 5.68 -4.68
C LEU A 282 2.76 5.52 -4.23
N LEU A 283 3.71 5.77 -5.13
CA LEU A 283 5.13 5.64 -4.80
C LEU A 283 5.81 7.01 -4.65
N VAL A 284 6.27 7.31 -3.44
CA VAL A 284 6.93 8.59 -3.15
C VAL A 284 8.28 8.38 -2.49
N ASN A 285 9.35 8.77 -3.18
CA ASN A 285 10.70 8.63 -2.67
C ASN A 285 10.99 7.19 -2.27
N GLY A 286 10.47 6.24 -3.07
CA GLY A 286 10.69 4.83 -2.81
C GLY A 286 9.77 4.17 -1.81
N GLU A 287 8.77 4.90 -1.31
CA GLU A 287 7.83 4.36 -0.34
C GLU A 287 6.45 4.15 -0.95
N LEU A 288 5.80 3.04 -0.60
CA LEU A 288 4.45 2.73 -1.09
C LEU A 288 3.48 3.22 -0.02
N MET A 289 2.65 4.20 -0.37
CA MET A 289 1.71 4.78 0.57
C MET A 289 0.88 3.76 1.36
N ASP A 290 1.03 3.82 2.68
CA ASP A 290 0.33 2.91 3.59
C ASP A 290 -1.20 2.86 3.48
N MET A 291 -1.82 3.98 3.11
CA MET A 291 -3.27 4.01 2.98
C MET A 291 -3.78 3.02 1.95
N SER A 292 -2.88 2.45 1.15
CA SER A 292 -3.27 1.52 0.11
C SER A 292 -2.84 0.09 0.41
N ARG A 293 -2.24 -0.12 1.58
CA ARG A 293 -1.74 -1.45 1.93
C ARG A 293 -2.61 -2.25 2.90
N GLY A 294 -3.79 -1.74 3.22
CA GLY A 294 -4.68 -2.45 4.12
C GLY A 294 -4.09 -2.90 5.43
N ARG A 295 -4.29 -4.18 5.76
CA ARG A 295 -3.78 -4.72 7.02
C ARG A 295 -2.29 -4.99 7.04
N SER A 296 -1.63 -4.90 5.89
CA SER A 296 -0.20 -5.16 5.82
C SER A 296 0.63 -4.09 6.52
N ILE A 297 0.00 -3.00 6.97
CA ILE A 297 0.75 -1.97 7.66
C ILE A 297 1.18 -2.47 9.03
N SER A 298 0.51 -3.51 9.52
CA SER A 298 0.81 -4.07 10.83
C SER A 298 1.90 -5.14 10.81
N ARG A 299 2.57 -5.29 9.68
CA ARG A 299 3.64 -6.28 9.55
C ARG A 299 4.98 -5.56 9.61
N ALA A 300 5.80 -5.94 10.59
CA ALA A 300 7.11 -5.34 10.80
C ALA A 300 8.07 -5.49 9.63
N ASN A 301 8.00 -6.61 8.91
CA ASN A 301 8.90 -6.85 7.80
C ASN A 301 8.35 -6.30 6.48
N SER A 302 7.27 -5.54 6.55
CA SER A 302 6.65 -4.99 5.35
C SER A 302 6.33 -3.50 5.43
N GLU A 303 7.26 -2.69 5.93
CA GLU A 303 7.01 -1.26 6.00
C GLU A 303 7.07 -0.68 4.58
N GLY A 304 6.49 0.51 4.41
CA GLY A 304 6.42 1.16 3.12
C GLY A 304 7.49 1.00 2.05
N HIS A 305 8.75 1.17 2.42
CA HIS A 305 9.84 1.06 1.45
C HIS A 305 10.09 -0.39 1.02
N VAL A 306 9.83 -1.32 1.92
CA VAL A 306 10.01 -2.74 1.62
C VAL A 306 8.90 -3.21 0.69
N ALA A 307 7.67 -2.87 1.04
CA ALA A 307 6.52 -3.27 0.22
C ALA A 307 6.66 -2.69 -1.19
N ALA A 308 7.17 -1.47 -1.28
CA ALA A 308 7.35 -0.83 -2.57
C ALA A 308 8.17 -1.66 -3.56
N VAL A 309 9.15 -2.40 -3.05
CA VAL A 309 10.00 -3.21 -3.93
C VAL A 309 9.24 -4.30 -4.66
N GLU A 310 8.14 -4.77 -4.08
CA GLU A 310 7.35 -5.81 -4.73
C GLU A 310 6.78 -5.23 -6.01
N VAL A 311 6.41 -3.96 -5.97
CA VAL A 311 5.85 -3.30 -7.13
C VAL A 311 6.94 -2.97 -8.15
N LEU A 312 8.06 -2.45 -7.66
CA LEU A 312 9.18 -2.08 -8.51
C LEU A 312 9.78 -3.27 -9.27
N ARG A 313 9.94 -4.41 -8.61
CA ARG A 313 10.49 -5.59 -9.28
C ARG A 313 9.50 -6.13 -10.30
N GLY A 314 8.21 -5.93 -10.03
CA GLY A 314 7.20 -6.38 -10.98
C GLY A 314 7.32 -5.52 -12.22
N ILE A 315 7.54 -4.23 -12.00
CA ILE A 315 7.66 -3.29 -13.11
C ILE A 315 8.88 -3.53 -13.97
N HIS A 316 10.03 -3.80 -13.33
N HIS A 316 10.02 -3.81 -13.33
CA HIS A 316 11.25 -4.03 -14.12
CA HIS A 316 11.24 -4.04 -14.06
C HIS A 316 11.20 -5.34 -14.89
C HIS A 316 11.16 -5.32 -14.90
N ARG A 317 10.42 -6.31 -14.41
CA ARG A 317 10.29 -7.59 -15.13
C ARG A 317 9.44 -7.30 -16.36
N ILE A 318 8.37 -6.53 -16.17
CA ILE A 318 7.47 -6.17 -17.26
C ILE A 318 8.21 -5.37 -18.33
N ALA A 319 9.14 -4.53 -17.90
CA ALA A 319 9.93 -3.73 -18.82
C ALA A 319 10.83 -4.64 -19.65
N ASP A 320 11.35 -5.68 -19.01
CA ASP A 320 12.25 -6.63 -19.66
C ASP A 320 11.54 -7.43 -20.76
N MET A 321 10.24 -7.64 -20.62
N MET A 321 10.24 -7.63 -20.62
CA MET A 321 9.48 -8.37 -21.62
CA MET A 321 9.45 -8.36 -21.60
C MET A 321 8.83 -7.41 -22.62
C MET A 321 8.83 -7.41 -22.62
N SER A 322 9.12 -6.12 -22.45
CA SER A 322 8.59 -5.09 -23.34
C SER A 322 9.67 -4.76 -24.34
N GLU A 323 9.41 -3.80 -25.22
CA GLU A 323 10.40 -3.42 -26.22
C GLU A 323 10.46 -1.93 -26.52
N GLY A 324 11.59 -1.51 -27.07
CA GLY A 324 11.77 -0.11 -27.44
C GLY A 324 11.57 0.94 -26.37
N GLU A 325 10.77 1.95 -26.70
CA GLU A 325 10.48 3.06 -25.79
C GLU A 325 9.77 2.60 -24.52
N THR A 326 8.71 1.81 -24.68
CA THR A 326 7.96 1.31 -23.53
C THR A 326 8.89 0.66 -22.52
N LYS A 327 9.86 -0.11 -23.02
CA LYS A 327 10.81 -0.77 -22.14
C LYS A 327 11.67 0.26 -21.44
N GLN A 328 12.24 1.17 -22.21
CA GLN A 328 13.10 2.19 -21.67
C GLN A 328 12.41 3.14 -20.70
N ARG A 329 11.16 3.52 -20.99
CA ARG A 329 10.46 4.43 -20.10
C ARG A 329 10.13 3.75 -18.77
N LEU A 330 9.75 2.48 -18.81
CA LEU A 330 9.46 1.74 -17.60
C LEU A 330 10.73 1.60 -16.79
N GLN A 331 11.86 1.39 -17.48
CA GLN A 331 13.15 1.29 -16.81
C GLN A 331 13.47 2.62 -16.12
N SER A 332 13.15 3.74 -16.78
CA SER A 332 13.41 5.06 -16.22
C SER A 332 12.55 5.33 -15.00
N LEU A 333 11.31 4.83 -15.02
CA LEU A 333 10.42 4.99 -13.90
C LEU A 333 11.00 4.27 -12.69
N VAL A 334 11.45 3.02 -12.88
CA VAL A 334 12.03 2.26 -11.77
C VAL A 334 13.33 2.90 -11.29
N LYS A 335 14.15 3.35 -12.25
CA LYS A 335 15.44 3.96 -11.94
C LYS A 335 15.34 5.24 -11.11
N THR A 336 14.45 6.16 -11.52
CA THR A 336 14.31 7.42 -10.79
C THR A 336 13.73 7.24 -9.39
N ILE A 337 12.83 6.27 -9.23
CA ILE A 337 12.24 6.02 -7.92
C ILE A 337 13.30 5.46 -6.98
N VAL A 338 13.99 4.41 -7.42
CA VAL A 338 15.04 3.80 -6.61
C VAL A 338 16.12 4.79 -6.22
N GLN A 339 16.56 5.60 -7.17
CA GLN A 339 17.63 6.56 -6.88
C GLN A 339 17.18 7.69 -5.99
N SER A 340 15.88 7.90 -5.87
CA SER A 340 15.37 8.97 -5.02
C SER A 340 15.20 8.45 -3.60
N ASP A 341 15.43 7.16 -3.40
CA ASP A 341 15.28 6.56 -2.08
C ASP A 341 16.62 6.45 -1.35
N SER A 342 16.92 7.45 -0.54
CA SER A 342 18.16 7.50 0.21
C SER A 342 18.07 6.77 1.55
N TYR A 343 16.89 6.23 1.86
CA TYR A 343 16.65 5.55 3.12
C TYR A 343 16.73 4.02 3.03
N TYR A 344 16.11 3.43 2.02
CA TYR A 344 16.08 1.98 1.89
C TYR A 344 16.91 1.44 0.71
N ASP A 345 17.64 0.37 0.96
CA ASP A 345 18.45 -0.29 -0.07
C ASP A 345 17.54 -1.27 -0.80
N VAL A 346 17.18 -0.95 -2.03
CA VAL A 346 16.29 -1.78 -2.82
C VAL A 346 16.68 -3.24 -2.90
N PHE A 347 17.98 -3.51 -2.93
CA PHE A 347 18.46 -4.88 -3.02
C PHE A 347 18.08 -5.71 -1.80
N LYS A 348 17.66 -5.06 -0.73
CA LYS A 348 17.27 -5.80 0.46
C LYS A 348 16.00 -6.59 0.24
N ASN A 349 15.28 -6.29 -0.83
CA ASN A 349 14.06 -7.03 -1.13
C ASN A 349 13.99 -7.58 -2.57
N LEU A 350 15.16 -7.83 -3.16
CA LEU A 350 15.23 -8.44 -4.49
C LEU A 350 15.75 -9.84 -4.14
N LYS A 351 14.85 -10.82 -4.16
CA LYS A 351 15.18 -12.19 -3.74
C LYS A 351 15.50 -13.27 -4.76
N THR A 352 15.90 -12.90 -5.98
CA THR A 352 16.29 -13.88 -6.99
C THR A 352 17.44 -13.24 -7.74
N TYR A 353 18.32 -14.06 -8.32
CA TYR A 353 19.47 -13.51 -9.04
C TYR A 353 19.09 -12.72 -10.30
N LYS A 354 17.99 -13.10 -10.95
CA LYS A 354 17.59 -12.36 -12.15
C LYS A 354 17.11 -10.96 -11.77
N ASP A 355 16.34 -10.85 -10.67
CA ASP A 355 15.85 -9.55 -10.22
C ASP A 355 17.01 -8.65 -9.84
N ILE A 356 18.04 -9.21 -9.22
CA ILE A 356 19.20 -8.43 -8.84
C ILE A 356 19.90 -7.97 -10.11
N SER A 357 20.09 -8.89 -11.05
CA SER A 357 20.74 -8.59 -12.34
C SER A 357 20.03 -7.50 -13.11
N LEU A 358 18.70 -7.58 -13.20
CA LEU A 358 17.91 -6.60 -13.92
C LEU A 358 18.05 -5.21 -13.31
N MET A 359 18.07 -5.17 -11.98
CA MET A 359 18.18 -3.90 -11.27
C MET A 359 19.55 -3.29 -11.48
N GLN A 360 20.58 -4.12 -11.47
CA GLN A 360 21.93 -3.61 -11.65
C GLN A 360 22.18 -3.04 -13.05
N SER A 361 21.70 -3.73 -14.07
CA SER A 361 21.91 -3.21 -15.42
C SER A 361 21.17 -1.89 -15.61
N LEU A 362 19.96 -1.80 -15.07
CA LEU A 362 19.15 -0.60 -15.17
C LEU A 362 19.81 0.61 -14.50
N LEU A 363 20.35 0.40 -13.31
CA LEU A 363 21.00 1.47 -12.57
C LEU A 363 22.32 1.93 -13.20
N SER A 364 23.05 1.01 -13.83
CA SER A 364 24.33 1.36 -14.44
C SER A 364 24.23 1.77 -15.92
N ASP A 365 23.10 1.50 -16.54
CA ASP A 365 22.90 1.85 -17.96
C ASP A 365 22.67 3.35 -18.11
N ALA A 366 23.67 4.05 -18.64
CA ALA A 366 23.55 5.49 -18.83
C ALA A 366 22.48 5.85 -19.85
N GLY A 367 22.11 4.87 -20.67
CA GLY A 367 21.08 5.08 -21.68
C GLY A 367 19.72 5.24 -21.06
N VAL A 368 19.55 4.74 -19.83
CA VAL A 368 18.28 4.83 -19.13
C VAL A 368 18.25 6.13 -18.31
N ALA A 369 17.34 7.02 -18.69
CA ALA A 369 17.22 8.31 -18.00
C ALA A 369 16.68 8.18 -16.60
N SER A 370 17.24 9.00 -15.71
CA SER A 370 16.80 9.04 -14.32
C SER A 370 16.59 10.50 -14.00
N VAL A 371 15.37 10.98 -14.24
CA VAL A 371 15.00 12.36 -14.01
C VAL A 371 13.93 12.45 -12.91
N PRO A 372 14.07 13.40 -11.99
CA PRO A 372 13.09 13.56 -10.91
C PRO A 372 11.68 13.62 -11.46
N ARG A 373 10.79 12.83 -10.88
CA ARG A 373 9.40 12.79 -11.32
C ARG A 373 8.67 14.11 -11.13
N THR A 374 7.86 14.47 -12.12
CA THR A 374 7.11 15.71 -12.10
C THR A 374 5.89 15.66 -11.17
N SER A 375 5.25 16.80 -10.95
CA SER A 375 4.09 16.88 -10.06
C SER A 375 2.86 16.16 -10.59
N TYR A 376 2.05 15.65 -9.67
CA TYR A 376 0.84 14.94 -10.04
C TYR A 376 -0.15 14.89 -8.89
N LEU A 377 -1.40 14.60 -9.20
CA LEU A 377 -2.44 14.52 -8.19
C LEU A 377 -3.50 13.55 -8.70
N SER A 378 -3.59 12.39 -8.06
CA SER A 378 -4.56 11.38 -8.46
C SER A 378 -5.73 11.32 -7.48
N ALA A 379 -6.94 11.42 -8.02
CA ALA A 379 -8.15 11.34 -7.22
C ALA A 379 -8.73 9.95 -7.44
N PHE A 380 -8.36 9.01 -6.57
CA PHE A 380 -8.85 7.64 -6.69
C PHE A 380 -10.22 7.57 -6.03
N ASN A 381 -11.20 8.22 -6.66
CA ASN A 381 -12.53 8.24 -6.10
C ASN A 381 -13.19 6.88 -5.93
N LYS A 382 -12.87 5.91 -6.79
CA LYS A 382 -13.51 4.61 -6.65
C LYS A 382 -13.04 3.81 -5.43
N MET A 383 -12.02 4.31 -4.75
CA MET A 383 -11.55 3.66 -3.52
C MET A 383 -11.36 4.72 -2.41
N ASP A 384 -11.95 5.90 -2.62
CA ASP A 384 -11.91 7.03 -1.70
C ASP A 384 -10.55 7.43 -1.12
N LYS A 385 -9.54 7.50 -1.97
CA LYS A 385 -8.20 7.90 -1.54
C LYS A 385 -7.71 8.98 -2.51
N THR A 386 -6.78 9.82 -2.08
CA THR A 386 -6.23 10.86 -2.95
C THR A 386 -4.73 10.99 -2.71
N ALA A 387 -3.96 10.98 -3.79
CA ALA A 387 -2.50 11.08 -3.70
C ALA A 387 -2.03 12.34 -4.41
N MET A 388 -1.18 13.09 -3.74
CA MET A 388 -0.65 14.34 -4.30
C MET A 388 0.86 14.41 -4.16
N TYR A 389 1.52 14.99 -5.16
CA TYR A 389 2.98 15.13 -5.13
C TYR A 389 3.44 16.40 -5.83
N ASN A 390 4.26 17.17 -5.12
CA ASN A 390 4.79 18.44 -5.61
C ASN A 390 6.29 18.24 -5.86
N ALA A 391 6.70 18.27 -7.13
CA ALA A 391 8.10 18.08 -7.48
C ALA A 391 8.96 19.31 -7.22
N GLU A 392 8.36 20.50 -7.32
CA GLU A 392 9.10 21.73 -7.09
C GLU A 392 9.63 21.84 -5.68
N LYS A 393 8.76 21.61 -4.69
CA LYS A 393 9.17 21.69 -3.30
C LYS A 393 9.52 20.32 -2.70
N GLY A 394 9.14 19.25 -3.39
CA GLY A 394 9.46 17.90 -2.95
C GLY A 394 8.71 17.24 -1.80
N PHE A 395 7.39 17.23 -1.85
CA PHE A 395 6.64 16.57 -0.78
C PHE A 395 5.42 15.85 -1.34
N GLY A 396 5.03 14.77 -0.66
CA GLY A 396 3.86 14.02 -1.08
C GLY A 396 2.79 14.22 -0.03
N PHE A 397 1.54 13.95 -0.40
CA PHE A 397 0.41 14.10 0.51
C PHE A 397 -0.59 13.00 0.19
N GLY A 398 -1.08 12.32 1.23
CA GLY A 398 -2.04 11.26 1.03
C GLY A 398 -3.27 11.51 1.87
N LEU A 399 -4.45 11.39 1.27
CA LEU A 399 -5.69 11.61 2.00
C LEU A 399 -6.45 10.28 2.03
N SER A 400 -6.64 9.74 3.24
CA SER A 400 -7.31 8.46 3.44
C SER A 400 -8.74 8.57 3.94
N LEU A 401 -9.71 8.26 3.09
CA LEU A 401 -11.11 8.34 3.47
C LEU A 401 -11.82 7.02 3.21
N PHE A 402 -13.14 7.03 3.41
CA PHE A 402 -13.99 5.87 3.13
C PHE A 402 -15.42 6.40 3.06
N SER A 403 -16.33 5.62 2.50
CA SER A 403 -17.71 6.07 2.36
C SER A 403 -18.64 4.88 2.49
N SER A 404 -19.84 5.03 1.97
CA SER A 404 -20.81 3.94 2.00
C SER A 404 -20.37 2.88 1.00
N ARG A 405 -19.43 3.24 0.14
CA ARG A 405 -18.92 2.35 -0.90
C ARG A 405 -17.66 1.58 -0.50
N THR A 406 -17.00 1.97 0.58
CA THR A 406 -15.77 1.30 1.01
C THR A 406 -15.66 1.09 2.51
N LEU A 407 -14.90 0.08 2.91
CA LEU A 407 -14.68 -0.24 4.31
C LEU A 407 -13.59 0.68 4.86
N ASN A 408 -13.71 1.12 6.12
CA ASN A 408 -12.70 2.02 6.66
C ASN A 408 -11.34 1.38 6.94
N TYR A 409 -11.33 0.23 7.60
CA TYR A 409 -10.05 -0.45 7.86
C TYR A 409 -10.26 -1.95 7.90
N GLU A 410 -9.21 -2.71 7.56
CA GLU A 410 -9.33 -4.16 7.59
C GLU A 410 -8.60 -4.81 8.73
N HIS A 411 -9.35 -5.52 9.56
CA HIS A 411 -8.79 -6.25 10.66
C HIS A 411 -9.23 -7.70 10.47
N MET A 412 -8.33 -8.54 9.98
CA MET A 412 -8.65 -9.95 9.81
C MET A 412 -7.39 -10.78 10.04
N ASN A 413 -7.58 -12.05 10.40
CA ASN A 413 -6.48 -12.95 10.70
C ASN A 413 -5.63 -12.39 11.80
N LYS A 414 -6.26 -11.67 12.70
CA LYS A 414 -5.57 -11.08 13.83
C LYS A 414 -4.56 -9.99 13.47
N GLU A 415 -4.72 -9.39 12.28
CA GLU A 415 -3.82 -8.33 11.84
C GLU A 415 -4.51 -6.96 11.79
N ASN A 416 -3.77 -5.93 12.17
CA ASN A 416 -4.26 -4.55 12.17
C ASN A 416 -5.39 -4.34 13.17
N LYS A 417 -5.13 -4.76 14.40
CA LYS A 417 -6.10 -4.67 15.49
C LYS A 417 -6.49 -3.27 15.88
N ARG A 418 -5.67 -2.28 15.56
CA ARG A 418 -5.98 -0.91 15.96
C ARG A 418 -5.97 0.13 14.83
N GLY A 419 -6.40 -0.27 13.65
CA GLY A 419 -6.44 0.66 12.54
C GLY A 419 -7.78 1.38 12.47
N TRP A 420 -8.52 1.36 13.57
CA TRP A 420 -9.85 1.97 13.68
C TRP A 420 -10.08 3.28 12.92
N TYR A 421 -9.18 4.23 13.12
CA TYR A 421 -9.34 5.55 12.50
C TYR A 421 -8.42 5.90 11.32
N THR A 422 -7.76 4.91 10.75
CA THR A 422 -6.85 5.16 9.64
C THR A 422 -7.50 5.69 8.36
N SER A 423 -8.82 5.72 8.31
CA SER A 423 -9.53 6.23 7.13
C SER A 423 -10.56 7.29 7.51
N ASP A 424 -10.48 7.79 8.74
CA ASP A 424 -11.42 8.81 9.22
C ASP A 424 -10.94 10.21 8.86
N GLY A 425 -10.45 10.37 7.64
CA GLY A 425 -9.96 11.67 7.22
C GLY A 425 -8.52 11.80 7.67
N MET A 426 -7.81 10.68 7.72
CA MET A 426 -6.41 10.68 8.12
C MET A 426 -5.58 11.17 6.93
N PHE A 427 -4.52 11.91 7.21
CA PHE A 427 -3.65 12.40 6.15
C PHE A 427 -2.23 11.95 6.38
N TYR A 428 -1.47 11.87 5.30
CA TYR A 428 -0.07 11.48 5.36
C TYR A 428 0.74 12.59 4.70
N LEU A 429 1.94 12.86 5.23
CA LEU A 429 2.80 13.87 4.63
C LEU A 429 4.13 13.19 4.37
N TYR A 430 4.57 13.19 3.12
CA TYR A 430 5.83 12.56 2.77
C TYR A 430 6.84 13.67 2.51
N ASN A 431 7.82 13.80 3.39
CA ASN A 431 8.85 14.82 3.24
C ASN A 431 10.28 14.29 3.29
N GLY A 432 11.21 15.17 3.66
CA GLY A 432 12.62 14.80 3.73
C GLY A 432 12.91 13.61 4.61
N ASP A 433 12.03 13.31 5.56
CA ASP A 433 12.23 12.15 6.44
C ASP A 433 11.56 10.93 5.81
N LEU A 434 12.30 10.22 4.99
CA LEU A 434 11.76 9.04 4.32
C LEU A 434 11.43 7.90 5.30
N SER A 435 11.99 7.95 6.50
CA SER A 435 11.75 6.90 7.49
C SER A 435 10.55 7.15 8.40
N HIS A 436 9.87 8.27 8.22
CA HIS A 436 8.76 8.63 9.08
C HIS A 436 7.72 7.55 9.40
N TYR A 437 7.20 6.88 8.39
CA TYR A 437 6.19 5.86 8.62
C TYR A 437 6.81 4.47 8.78
N SER A 438 8.13 4.44 8.92
CA SER A 438 8.86 3.19 9.09
C SER A 438 9.52 3.19 10.48
N ASP A 439 10.45 2.26 10.69
CA ASP A 439 11.15 2.15 11.97
C ASP A 439 10.24 2.04 13.19
N GLY A 440 9.17 1.28 13.08
CA GLY A 440 8.28 1.12 14.22
C GLY A 440 7.17 2.12 14.39
N TYR A 441 6.84 2.87 13.34
CA TYR A 441 5.77 3.85 13.39
C TYR A 441 4.42 3.23 13.81
N TRP A 442 3.97 2.23 13.05
CA TRP A 442 2.69 1.61 13.33
C TRP A 442 2.46 1.02 14.73
N PRO A 443 3.50 0.42 15.34
CA PRO A 443 3.26 -0.12 16.68
C PRO A 443 3.47 0.90 17.81
N THR A 444 3.95 2.10 17.47
CA THR A 444 4.18 3.11 18.49
C THR A 444 3.29 4.33 18.37
N VAL A 445 2.63 4.50 17.23
CA VAL A 445 1.73 5.63 17.04
C VAL A 445 0.51 5.44 17.93
N ASN A 446 0.01 6.54 18.50
CA ASN A 446 -1.18 6.46 19.36
C ASN A 446 -2.37 6.29 18.42
N PRO A 447 -2.94 5.08 18.38
CA PRO A 447 -4.09 4.78 17.50
C PRO A 447 -5.34 5.60 17.72
N TYR A 448 -5.42 6.27 18.86
CA TYR A 448 -6.57 7.10 19.17
C TYR A 448 -6.46 8.50 18.59
N LYS A 449 -5.26 8.85 18.13
CA LYS A 449 -5.02 10.17 17.58
C LYS A 449 -4.37 10.17 16.21
N MET A 450 -4.98 9.48 15.24
CA MET A 450 -4.42 9.44 13.90
C MET A 450 -4.50 10.86 13.32
N PRO A 451 -3.42 11.36 12.73
N PRO A 451 -3.42 11.34 12.70
CA PRO A 451 -3.35 12.70 12.15
CA PRO A 451 -3.34 12.68 12.11
C PRO A 451 -4.51 13.10 11.23
C PRO A 451 -4.51 13.10 11.21
N GLY A 452 -5.11 14.23 11.54
CA GLY A 452 -6.23 14.73 10.76
C GLY A 452 -7.62 14.29 11.18
N THR A 453 -7.71 13.28 12.02
CA THR A 453 -9.02 12.77 12.42
C THR A 453 -9.69 13.48 13.59
N THR A 454 -11.01 13.52 13.52
CA THR A 454 -11.85 14.11 14.55
C THR A 454 -12.53 12.92 15.21
N GLU A 455 -12.28 12.72 16.50
CA GLU A 455 -12.86 11.59 17.23
C GLU A 455 -13.14 11.93 18.69
N THR A 456 -13.85 11.04 19.38
CA THR A 456 -14.11 11.21 20.81
C THR A 456 -13.02 10.33 21.43
N ASP A 457 -12.87 10.38 22.75
CA ASP A 457 -11.83 9.59 23.38
C ASP A 457 -12.29 8.29 24.01
N ALA A 458 -13.41 7.76 23.51
CA ALA A 458 -13.94 6.51 24.03
C ALA A 458 -12.95 5.38 23.74
N LYS A 459 -12.90 4.40 24.63
CA LYS A 459 -12.02 3.26 24.45
C LYS A 459 -12.53 2.41 23.30
N ARG A 460 -11.62 1.80 22.54
CA ARG A 460 -11.99 0.94 21.42
C ARG A 460 -11.46 -0.46 21.67
N ALA A 461 -12.15 -1.47 21.16
CA ALA A 461 -11.75 -2.86 21.35
C ALA A 461 -10.95 -3.37 20.16
N ASP A 462 -9.93 -4.19 20.43
CA ASP A 462 -9.10 -4.73 19.38
C ASP A 462 -9.89 -5.73 18.53
N SER A 463 -10.93 -6.30 19.12
CA SER A 463 -11.76 -7.29 18.43
C SER A 463 -12.71 -6.68 17.41
N ASP A 464 -12.82 -5.36 17.37
CA ASP A 464 -13.70 -4.69 16.42
C ASP A 464 -13.23 -4.92 14.98
N THR A 465 -14.16 -4.77 14.04
CA THR A 465 -13.84 -4.92 12.62
C THR A 465 -14.34 -3.69 11.86
N GLY A 466 -13.90 -3.56 10.61
CA GLY A 466 -14.27 -2.42 9.80
C GLY A 466 -15.76 -2.24 9.52
N LYS A 467 -16.11 -1.01 9.11
CA LYS A 467 -17.49 -0.64 8.79
C LYS A 467 -17.48 0.28 7.58
N VAL A 468 -18.64 0.49 6.97
CA VAL A 468 -18.75 1.42 5.85
C VAL A 468 -19.37 2.69 6.41
N LEU A 469 -19.20 3.80 5.71
CA LEU A 469 -19.75 5.07 6.19
C LEU A 469 -21.23 5.20 5.80
N PRO A 470 -22.04 5.80 6.68
CA PRO A 470 -23.45 5.95 6.35
C PRO A 470 -23.65 6.78 5.08
N SER A 471 -22.82 7.79 4.90
CA SER A 471 -22.93 8.69 3.76
C SER A 471 -22.11 8.35 2.52
N ALA A 472 -22.64 8.77 1.36
CA ALA A 472 -21.97 8.56 0.09
C ALA A 472 -21.34 9.88 -0.34
N PHE A 473 -21.52 10.92 0.48
CA PHE A 473 -20.98 12.23 0.15
C PHE A 473 -19.52 12.34 0.56
N VAL A 474 -18.68 11.59 -0.15
CA VAL A 474 -17.24 11.56 0.09
C VAL A 474 -16.58 11.52 -1.28
N GLY A 475 -15.67 12.45 -1.54
CA GLY A 475 -15.02 12.45 -2.84
C GLY A 475 -14.11 13.64 -3.13
N THR A 476 -13.39 13.53 -4.25
CA THR A 476 -12.44 14.54 -4.67
C THR A 476 -12.70 15.07 -6.07
N SER A 477 -12.63 16.39 -6.23
CA SER A 477 -12.81 17.04 -7.52
C SER A 477 -11.45 17.62 -7.89
N LYS A 478 -10.82 17.02 -8.91
CA LYS A 478 -9.49 17.44 -9.39
C LYS A 478 -9.54 18.40 -10.58
N LEU A 479 -8.81 19.50 -10.48
CA LEU A 479 -8.76 20.48 -11.56
C LEU A 479 -7.57 20.19 -12.47
N ASP A 480 -6.40 20.05 -11.88
CA ASP A 480 -5.19 19.76 -12.63
C ASP A 480 -4.21 18.94 -11.78
N ASP A 481 -2.94 18.94 -12.16
CA ASP A 481 -1.92 18.19 -11.46
C ASP A 481 -1.52 18.75 -10.09
N ALA A 482 -2.00 19.93 -9.75
CA ALA A 482 -1.61 20.52 -8.47
C ALA A 482 -2.76 20.99 -7.60
N ASN A 483 -3.97 21.02 -8.14
CA ASN A 483 -5.11 21.53 -7.39
C ASN A 483 -6.34 20.63 -7.35
N ALA A 484 -6.87 20.41 -6.16
CA ALA A 484 -8.05 19.58 -6.00
C ALA A 484 -8.74 19.89 -4.68
N THR A 485 -9.99 19.46 -4.59
CA THR A 485 -10.78 19.68 -3.39
C THR A 485 -11.49 18.39 -3.01
N ALA A 486 -11.55 18.11 -1.71
CA ALA A 486 -12.19 16.88 -1.24
C ALA A 486 -13.04 17.16 -0.01
N THR A 487 -14.00 16.27 0.25
CA THR A 487 -14.87 16.42 1.41
C THR A 487 -15.31 15.05 1.90
N MET A 488 -15.71 14.99 3.17
CA MET A 488 -16.18 13.76 3.77
C MET A 488 -17.26 14.11 4.77
N ASP A 489 -18.47 13.61 4.51
CA ASP A 489 -19.62 13.84 5.39
C ASP A 489 -19.45 12.82 6.51
N PHE A 490 -18.58 13.15 7.45
CA PHE A 490 -18.21 12.27 8.56
C PHE A 490 -19.16 12.02 9.73
N THR A 491 -19.19 10.78 10.17
CA THR A 491 -19.97 10.32 11.32
C THR A 491 -19.05 9.26 11.93
N ASN A 492 -18.82 9.30 13.24
CA ASN A 492 -17.91 8.33 13.84
C ASN A 492 -18.53 6.95 14.03
N TRP A 493 -17.69 5.99 14.37
CA TRP A 493 -18.06 4.59 14.52
C TRP A 493 -19.33 4.23 15.29
N ASN A 494 -19.69 5.02 16.31
CA ASN A 494 -20.88 4.70 17.08
C ASN A 494 -21.94 5.80 16.98
N GLN A 495 -21.89 6.53 15.88
CA GLN A 495 -22.83 7.60 15.63
C GLN A 495 -23.04 8.58 16.80
N THR A 496 -21.96 9.04 17.42
CA THR A 496 -22.09 10.01 18.51
C THR A 496 -21.44 11.32 18.11
N LEU A 497 -20.74 11.32 16.99
CA LEU A 497 -20.06 12.53 16.53
C LEU A 497 -20.12 12.70 15.02
N THR A 498 -20.28 13.94 14.58
CA THR A 498 -20.34 14.25 13.16
C THR A 498 -19.44 15.43 12.88
N ALA A 499 -19.16 15.66 11.60
CA ALA A 499 -18.32 16.77 11.19
C ALA A 499 -18.23 16.84 9.68
N HIS A 500 -18.31 18.04 9.13
CA HIS A 500 -18.16 18.23 7.69
C HIS A 500 -16.67 18.49 7.50
N LYS A 501 -15.94 17.47 7.08
CA LYS A 501 -14.50 17.61 6.89
C LYS A 501 -14.16 17.83 5.42
N SER A 502 -13.34 18.84 5.16
CA SER A 502 -12.96 19.14 3.79
C SER A 502 -11.48 19.46 3.69
N TRP A 503 -10.93 19.25 2.50
CA TRP A 503 -9.52 19.49 2.25
C TRP A 503 -9.36 20.27 0.95
N PHE A 504 -8.44 21.22 0.95
CA PHE A 504 -8.22 22.02 -0.23
C PHE A 504 -6.75 21.97 -0.62
N MET A 505 -6.45 21.12 -1.60
CA MET A 505 -5.10 20.94 -2.08
C MET A 505 -4.79 22.06 -3.06
N LEU A 506 -3.89 22.94 -2.65
CA LEU A 506 -3.53 24.09 -3.46
C LEU A 506 -2.04 24.18 -3.84
N LYS A 507 -1.60 23.22 -4.64
N LYS A 507 -1.60 23.22 -4.64
CA LYS A 507 -0.23 23.12 -5.13
CA LYS A 507 -0.23 23.15 -5.14
C LYS A 507 0.88 22.92 -4.11
C LYS A 507 0.89 22.93 -4.12
N ASP A 508 1.11 23.90 -3.23
CA ASP A 508 2.17 23.77 -2.23
C ASP A 508 1.71 23.83 -0.79
N LYS A 509 0.43 23.53 -0.59
CA LYS A 509 -0.15 23.56 0.73
C LYS A 509 -1.52 22.86 0.67
N ILE A 510 -2.05 22.52 1.83
CA ILE A 510 -3.35 21.89 1.91
C ILE A 510 -4.13 22.53 3.07
N ALA A 511 -5.34 22.97 2.79
CA ALA A 511 -6.14 23.59 3.84
C ALA A 511 -7.09 22.54 4.42
N PHE A 512 -7.19 22.50 5.74
CA PHE A 512 -8.07 21.55 6.41
C PHE A 512 -9.21 22.33 7.04
N LEU A 513 -10.43 22.07 6.60
CA LEU A 513 -11.58 22.76 7.18
C LEU A 513 -12.58 21.78 7.76
N GLY A 514 -13.09 22.11 8.94
CA GLY A 514 -14.07 21.26 9.59
C GLY A 514 -15.17 22.12 10.16
N SER A 515 -16.41 21.71 9.97
CA SER A 515 -17.55 22.47 10.47
C SER A 515 -18.64 21.52 10.94
N ASN A 516 -19.67 22.08 11.56
CA ASN A 516 -20.80 21.28 12.02
C ASN A 516 -20.38 20.14 12.94
N ILE A 517 -19.33 20.36 13.74
CA ILE A 517 -18.88 19.32 14.66
C ILE A 517 -19.84 19.22 15.82
N GLN A 518 -20.41 18.04 16.01
CA GLN A 518 -21.37 17.80 17.08
C GLN A 518 -21.00 16.53 17.83
N ASN A 519 -21.35 16.47 19.11
CA ASN A 519 -21.03 15.32 19.94
C ASN A 519 -22.19 15.08 20.89
N THR A 520 -22.76 13.88 20.86
CA THR A 520 -23.88 13.55 21.73
C THR A 520 -23.48 12.59 22.85
N SER A 521 -22.20 12.25 22.90
CA SER A 521 -21.72 11.34 23.94
C SER A 521 -21.20 12.09 25.16
N THR A 522 -20.75 11.32 26.16
CA THR A 522 -20.20 11.89 27.39
C THR A 522 -18.69 11.97 27.25
N ASP A 523 -18.18 11.49 26.12
CA ASP A 523 -16.75 11.50 25.84
C ASP A 523 -16.31 12.84 25.28
N THR A 524 -15.03 13.16 25.42
CA THR A 524 -14.51 14.41 24.90
C THR A 524 -14.16 14.27 23.42
N ALA A 525 -14.42 15.32 22.65
CA ALA A 525 -14.14 15.32 21.22
C ALA A 525 -12.99 16.26 20.90
N ALA A 526 -12.20 15.90 19.89
CA ALA A 526 -11.06 16.71 19.46
C ALA A 526 -10.55 16.21 18.12
N THR A 527 -9.87 17.09 17.40
CA THR A 527 -9.29 16.77 16.11
C THR A 527 -7.79 16.76 16.29
N THR A 528 -7.13 15.71 15.81
CA THR A 528 -5.68 15.64 15.92
C THR A 528 -5.11 16.37 14.71
N ILE A 529 -4.49 17.52 14.94
CA ILE A 529 -3.90 18.29 13.86
C ILE A 529 -2.70 17.56 13.30
N ASP A 530 -2.00 16.82 14.15
CA ASP A 530 -0.85 16.04 13.70
C ASP A 530 -0.24 15.20 14.82
N GLN A 531 0.41 14.11 14.42
CA GLN A 531 1.12 13.22 15.33
C GLN A 531 2.30 12.77 14.48
N ARG A 532 3.35 13.59 14.52
CA ARG A 532 4.54 13.37 13.73
C ARG A 532 5.64 12.62 14.49
N LYS A 533 6.16 11.56 13.88
CA LYS A 533 7.23 10.77 14.49
C LYS A 533 8.54 11.53 14.27
N LEU A 534 9.32 11.68 15.34
CA LEU A 534 10.56 12.44 15.28
C LEU A 534 11.82 11.60 15.09
N GLU A 535 12.90 12.28 14.71
CA GLU A 535 14.21 11.66 14.50
C GLU A 535 15.15 12.24 15.56
N SER A 536 15.81 11.39 16.32
CA SER A 536 16.71 11.88 17.34
C SER A 536 17.86 12.67 16.71
N SER A 537 18.17 12.38 15.45
CA SER A 537 19.25 13.07 14.75
C SER A 537 18.86 14.48 14.28
N ASN A 538 17.62 14.65 13.84
CA ASN A 538 17.16 15.95 13.36
C ASN A 538 16.06 16.52 14.25
N PRO A 539 16.44 17.15 15.38
CA PRO A 539 15.46 17.73 16.31
C PRO A 539 14.76 18.97 15.76
N TYR A 540 13.48 19.10 16.08
CA TYR A 540 12.68 20.23 15.65
C TYR A 540 12.69 21.35 16.68
N LYS A 541 12.73 22.59 16.20
CA LYS A 541 12.67 23.75 17.08
C LYS A 541 11.23 24.21 16.88
N VAL A 542 10.43 24.18 17.94
CA VAL A 542 9.03 24.54 17.82
C VAL A 542 8.69 26.02 18.09
N TYR A 543 7.91 26.61 17.19
CA TYR A 543 7.49 27.99 17.34
C TYR A 543 5.98 28.12 17.32
N VAL A 544 5.45 28.89 18.27
CA VAL A 544 4.02 29.14 18.35
C VAL A 544 3.92 30.65 18.21
N ASN A 545 3.13 31.12 17.25
CA ASN A 545 3.00 32.54 16.99
C ASN A 545 4.39 33.14 16.79
N ASP A 546 5.26 32.35 16.20
CA ASP A 546 6.64 32.73 15.89
C ASP A 546 7.56 32.96 17.09
N LYS A 547 7.23 32.35 18.23
CA LYS A 547 8.06 32.46 19.43
C LYS A 547 8.40 31.05 19.85
N GLU A 548 9.67 30.76 20.10
CA GLU A 548 10.06 29.41 20.48
C GLU A 548 9.27 28.87 21.66
N ALA A 549 8.86 27.60 21.58
CA ALA A 549 8.11 26.97 22.66
C ALA A 549 8.80 25.67 23.05
N SER A 550 8.77 25.36 24.35
CA SER A 550 9.40 24.14 24.85
C SER A 550 8.33 23.12 25.16
N LEU A 551 8.29 22.05 24.37
CA LEU A 551 7.30 21.02 24.57
C LEU A 551 7.76 19.98 25.58
N THR A 552 6.80 19.41 26.31
CA THR A 552 7.08 18.39 27.31
C THR A 552 6.17 17.19 27.07
N GLU A 553 6.41 16.10 27.79
CA GLU A 553 5.58 14.93 27.65
C GLU A 553 4.17 15.28 28.09
N GLN A 554 4.08 16.23 29.03
CA GLN A 554 2.79 16.65 29.51
C GLN A 554 2.22 17.71 28.58
N GLU A 555 0.95 17.53 28.23
CA GLU A 555 0.24 18.41 27.31
C GLU A 555 0.18 19.87 27.76
N LYS A 556 0.57 20.76 26.87
CA LYS A 556 0.54 22.20 27.16
C LYS A 556 -0.51 22.86 26.28
N ASP A 557 -1.25 23.81 26.84
CA ASP A 557 -2.28 24.49 26.08
C ASP A 557 -1.78 25.80 25.51
N TYR A 558 -2.19 26.10 24.29
CA TYR A 558 -1.80 27.34 23.64
C TYR A 558 -3.03 28.02 23.08
N PRO A 559 -3.68 28.86 23.89
CA PRO A 559 -4.88 29.56 23.43
C PRO A 559 -4.47 30.68 22.47
N GLU A 560 -5.41 31.15 21.67
CA GLU A 560 -5.15 32.22 20.72
C GLU A 560 -3.96 31.96 19.80
N THR A 561 -3.85 30.75 19.29
CA THR A 561 -2.74 30.41 18.40
C THR A 561 -3.08 30.77 16.96
N GLN A 562 -2.14 31.42 16.28
CA GLN A 562 -2.33 31.80 14.89
C GLN A 562 -1.46 30.92 14.00
N SER A 563 -0.38 30.39 14.57
CA SER A 563 0.51 29.55 13.79
C SER A 563 1.42 28.74 14.67
N VAL A 564 1.88 27.63 14.10
CA VAL A 564 2.81 26.71 14.74
C VAL A 564 3.80 26.35 13.65
N PHE A 565 5.08 26.40 13.96
CA PHE A 565 6.09 26.06 12.96
C PHE A 565 7.08 25.07 13.55
N LEU A 566 7.37 24.01 12.80
CA LEU A 566 8.32 23.01 13.23
C LEU A 566 9.53 23.24 12.35
N GLU A 567 10.61 23.72 12.96
CA GLU A 567 11.83 24.04 12.23
C GLU A 567 12.94 23.02 12.38
N SER A 568 13.40 22.49 11.25
CA SER A 568 14.47 21.51 11.19
C SER A 568 15.67 22.18 10.55
N SER A 569 16.82 21.50 10.57
CA SER A 569 18.02 22.04 9.95
C SER A 569 17.90 21.85 8.45
N ASP A 570 16.99 20.95 8.05
CA ASP A 570 16.73 20.65 6.65
C ASP A 570 15.36 21.24 6.32
N SER A 571 15.33 22.24 5.43
CA SER A 571 14.05 22.88 5.08
C SER A 571 13.03 21.88 4.54
N LYS A 572 13.50 20.84 3.87
CA LYS A 572 12.61 19.82 3.31
C LYS A 572 11.91 19.00 4.37
N LYS A 573 12.15 19.32 5.64
CA LYS A 573 11.53 18.60 6.74
C LYS A 573 10.65 19.53 7.59
N ASN A 574 10.60 20.80 7.20
CA ASN A 574 9.81 21.78 7.94
C ASN A 574 8.32 21.61 7.73
N ILE A 575 7.55 21.91 8.77
CA ILE A 575 6.11 21.80 8.73
C ILE A 575 5.50 22.98 9.47
N GLY A 576 4.66 23.73 8.76
CA GLY A 576 4.02 24.88 9.38
C GLY A 576 2.51 24.73 9.31
N TYR A 577 1.83 25.23 10.33
CA TYR A 577 0.38 25.18 10.38
C TYR A 577 -0.10 26.61 10.63
N PHE A 578 -0.97 27.08 9.75
CA PHE A 578 -1.52 28.42 9.84
C PHE A 578 -3.01 28.37 10.12
N PHE A 579 -3.43 28.90 11.27
CA PHE A 579 -4.84 28.89 11.63
C PHE A 579 -5.51 30.19 11.16
N PHE A 580 -6.42 30.06 10.20
CA PHE A 580 -7.12 31.20 9.62
C PHE A 580 -7.67 32.12 10.70
N LYS A 581 -8.20 31.53 11.75
CA LYS A 581 -8.71 32.27 12.89
C LYS A 581 -8.00 31.68 14.11
N LYS A 582 -7.53 32.54 15.01
CA LYS A 582 -6.82 32.09 16.18
C LYS A 582 -7.59 30.96 16.82
N SER A 583 -6.89 29.89 17.15
CA SER A 583 -7.52 28.71 17.73
C SER A 583 -6.85 28.29 19.01
N SER A 584 -7.58 27.49 19.79
CA SER A 584 -7.07 26.99 21.05
C SER A 584 -6.62 25.54 20.85
N ILE A 585 -5.31 25.32 20.90
CA ILE A 585 -4.75 23.99 20.70
C ILE A 585 -3.87 23.56 21.86
N SER A 586 -3.39 22.32 21.80
CA SER A 586 -2.51 21.81 22.84
C SER A 586 -1.44 20.98 22.15
N MET A 587 -0.25 20.94 22.73
CA MET A 587 0.84 20.18 22.14
C MET A 587 1.67 19.46 23.18
N SER A 588 2.36 18.41 22.74
CA SER A 588 3.22 17.63 23.61
C SER A 588 4.20 16.84 22.76
N LYS A 589 5.29 16.44 23.38
CA LYS A 589 6.32 15.65 22.71
C LYS A 589 6.63 14.58 23.73
N ALA A 590 6.39 13.32 23.38
CA ALA A 590 6.63 12.24 24.31
C ALA A 590 7.05 10.94 23.65
N LEU A 591 7.74 10.12 24.43
CA LEU A 591 8.22 8.82 23.98
C LEU A 591 7.03 7.87 24.07
N GLN A 592 6.75 7.17 22.97
CA GLN A 592 5.64 6.23 22.97
C GLN A 592 6.18 4.83 22.70
N LYS A 593 5.81 3.88 23.56
CA LYS A 593 6.26 2.51 23.44
C LYS A 593 5.16 1.57 22.97
N GLY A 594 5.56 0.46 22.37
CA GLY A 594 4.61 -0.51 21.88
C GLY A 594 5.35 -1.67 21.25
N ALA A 595 4.61 -2.68 20.84
CA ALA A 595 5.21 -3.85 20.20
C ALA A 595 4.35 -4.20 19.01
N TRP A 596 4.95 -4.74 17.97
CA TRP A 596 4.18 -5.09 16.79
C TRP A 596 3.09 -6.10 17.14
N LYS A 597 3.34 -6.95 18.13
CA LYS A 597 2.36 -7.95 18.52
C LYS A 597 1.07 -7.29 18.99
N ASP A 598 1.18 -6.05 19.48
CA ASP A 598 0.01 -5.33 19.95
C ASP A 598 -1.01 -5.08 18.85
N ILE A 599 -0.55 -4.95 17.61
CA ILE A 599 -1.44 -4.70 16.48
C ILE A 599 -1.52 -5.87 15.52
N ASN A 600 -0.72 -6.90 15.76
CA ASN A 600 -0.72 -8.08 14.90
C ASN A 600 -0.25 -9.30 15.69
N GLU A 601 -1.19 -10.17 16.03
CA GLU A 601 -0.90 -11.38 16.81
C GLU A 601 0.32 -12.20 16.41
N GLY A 602 0.56 -12.32 15.11
CA GLY A 602 1.69 -13.10 14.65
C GLY A 602 3.02 -12.40 14.61
N GLN A 603 3.09 -11.18 15.14
CA GLN A 603 4.32 -10.40 15.15
C GLN A 603 5.06 -10.51 16.47
N SER A 604 6.28 -9.97 16.50
CA SER A 604 7.12 -10.00 17.69
C SER A 604 6.59 -9.16 18.83
N ASP A 605 6.78 -9.64 20.06
CA ASP A 605 6.33 -8.92 21.24
C ASP A 605 7.44 -8.02 21.77
N LYS A 606 8.54 -7.96 21.03
CA LYS A 606 9.69 -7.14 21.41
C LYS A 606 9.26 -5.67 21.47
N GLU A 607 9.63 -4.97 22.53
CA GLU A 607 9.26 -3.56 22.66
C GLU A 607 9.95 -2.63 21.68
N VAL A 608 9.18 -1.70 21.14
CA VAL A 608 9.67 -0.71 20.19
C VAL A 608 9.26 0.64 20.75
N GLU A 609 10.03 1.69 20.43
CA GLU A 609 9.70 3.01 20.93
C GLU A 609 10.12 4.11 19.97
N ASN A 610 9.37 5.21 20.00
CA ASN A 610 9.62 6.36 19.15
C ASN A 610 9.06 7.61 19.82
N GLU A 611 9.66 8.76 19.50
CA GLU A 611 9.24 10.04 20.06
C GLU A 611 8.23 10.65 19.08
N PHE A 612 7.12 11.18 19.60
CA PHE A 612 6.10 11.80 18.74
C PHE A 612 5.72 13.20 19.22
N LEU A 613 5.39 14.08 18.27
CA LEU A 613 4.96 15.43 18.58
C LEU A 613 3.48 15.47 18.20
N THR A 614 2.62 15.65 19.20
CA THR A 614 1.18 15.67 18.97
C THR A 614 0.60 17.07 19.09
N ILE A 615 -0.29 17.42 18.17
CA ILE A 615 -0.96 18.72 18.16
C ILE A 615 -2.43 18.43 18.01
N SER A 616 -3.27 19.01 18.87
CA SER A 616 -4.71 18.75 18.78
C SER A 616 -5.56 19.95 19.16
N GLN A 617 -6.83 19.89 18.77
CA GLN A 617 -7.78 20.96 19.04
C GLN A 617 -9.08 20.37 19.59
N ALA A 618 -9.41 20.70 20.84
CA ALA A 618 -10.61 20.20 21.46
C ALA A 618 -11.87 20.87 20.91
N HIS A 619 -12.98 20.13 20.90
CA HIS A 619 -14.26 20.63 20.43
C HIS A 619 -15.28 20.38 21.52
N LYS A 620 -15.40 21.32 22.45
CA LYS A 620 -16.30 21.19 23.58
C LYS A 620 -17.77 21.60 23.35
N GLN A 621 -18.06 22.27 22.24
CA GLN A 621 -19.44 22.67 21.98
C GLN A 621 -19.99 22.23 20.61
N ASN A 622 -21.29 22.00 20.53
CA ASN A 622 -21.91 21.62 19.28
C ASN A 622 -21.81 22.83 18.35
N GLY A 623 -21.52 22.58 17.09
CA GLY A 623 -21.40 23.66 16.13
C GLY A 623 -19.95 24.12 16.00
N ASP A 624 -19.04 23.40 16.65
CA ASP A 624 -17.64 23.77 16.59
C ASP A 624 -17.04 23.59 15.21
N SER A 625 -15.83 24.10 15.02
CA SER A 625 -15.15 24.01 13.74
C SER A 625 -13.66 24.21 13.90
N TYR A 626 -12.91 23.89 12.85
CA TYR A 626 -11.47 24.06 12.84
C TYR A 626 -11.10 24.52 11.44
N GLY A 627 -9.98 25.23 11.33
CA GLY A 627 -9.56 25.71 10.04
C GLY A 627 -8.10 26.11 10.04
N TYR A 628 -7.29 25.38 9.29
CA TYR A 628 -5.86 25.69 9.23
C TYR A 628 -5.25 25.23 7.91
N MET A 629 -4.10 25.81 7.59
CA MET A 629 -3.38 25.51 6.36
C MET A 629 -2.07 24.80 6.68
N LEU A 630 -1.84 23.65 6.05
CA LEU A 630 -0.60 22.90 6.25
C LEU A 630 0.37 23.38 5.18
N ILE A 631 1.50 23.94 5.59
CA ILE A 631 2.49 24.44 4.64
C ILE A 631 3.84 23.79 4.91
N PRO A 632 4.20 22.78 4.10
CA PRO A 632 5.48 22.11 4.31
C PRO A 632 6.64 22.63 3.45
N ASN A 633 7.84 22.16 3.79
CA ASN A 633 9.07 22.45 3.05
C ASN A 633 9.50 23.89 2.73
N VAL A 634 9.24 24.83 3.63
CA VAL A 634 9.67 26.21 3.44
C VAL A 634 10.33 26.62 4.74
N ASP A 635 11.28 27.55 4.69
CA ASP A 635 11.91 27.95 5.93
C ASP A 635 11.00 28.90 6.72
N ARG A 636 11.38 29.15 7.96
CA ARG A 636 10.62 30.01 8.86
C ARG A 636 10.21 31.37 8.26
N ALA A 637 11.18 32.14 7.78
CA ALA A 637 10.89 33.45 7.20
C ALA A 637 9.91 33.37 6.04
N THR A 638 10.04 32.33 5.21
CA THR A 638 9.15 32.18 4.05
C THR A 638 7.74 31.83 4.53
N PHE A 639 7.64 30.95 5.52
CA PHE A 639 6.35 30.56 6.11
C PHE A 639 5.65 31.82 6.67
N ASN A 640 6.40 32.66 7.39
CA ASN A 640 5.81 33.87 7.97
C ASN A 640 5.27 34.79 6.88
N GLN A 641 5.95 34.81 5.74
CA GLN A 641 5.55 35.64 4.62
C GLN A 641 4.28 35.06 4.01
N MET A 642 4.23 33.74 3.89
CA MET A 642 3.07 33.09 3.29
C MET A 642 1.79 33.26 4.11
N ILE A 643 1.89 33.16 5.43
CA ILE A 643 0.67 33.33 6.22
C ILE A 643 0.13 34.75 6.11
N LYS A 644 0.99 35.71 5.76
CA LYS A 644 0.53 37.08 5.57
C LYS A 644 -0.26 37.10 4.26
N GLU A 645 0.29 36.47 3.22
CA GLU A 645 -0.38 36.43 1.93
C GLU A 645 -1.72 35.71 2.01
N LEU A 646 -1.80 34.73 2.92
CA LEU A 646 -3.01 33.92 3.10
C LEU A 646 -3.94 34.41 4.18
N GLU A 647 -3.66 35.60 4.72
CA GLU A 647 -4.48 36.19 5.77
C GLU A 647 -5.98 36.10 5.52
N SER A 648 -6.42 36.38 4.29
CA SER A 648 -7.85 36.34 3.97
C SER A 648 -8.22 35.22 2.99
N SER A 649 -7.47 34.13 3.00
CA SER A 649 -7.75 33.02 2.09
C SER A 649 -9.01 32.22 2.45
N LEU A 650 -9.41 32.23 3.71
CA LEU A 650 -10.62 31.50 4.11
C LEU A 650 -11.86 32.26 3.65
N ILE A 651 -12.60 31.68 2.72
CA ILE A 651 -13.81 32.32 2.21
C ILE A 651 -15.00 32.03 3.10
N GLU A 652 -15.14 30.78 3.53
CA GLU A 652 -16.24 30.39 4.40
C GLU A 652 -16.01 29.02 4.99
N ASN A 653 -16.60 28.77 6.15
CA ASN A 653 -16.47 27.49 6.82
C ASN A 653 -17.66 27.24 7.75
N ASN A 654 -18.82 26.98 7.18
CA ASN A 654 -20.01 26.70 7.99
C ASN A 654 -20.65 25.37 7.59
N GLU A 655 -21.82 25.11 8.16
CA GLU A 655 -22.55 23.86 7.93
C GLU A 655 -23.05 23.58 6.51
N THR A 656 -22.96 24.55 5.60
CA THR A 656 -23.42 24.30 4.24
C THR A 656 -22.41 24.69 3.16
N LEU A 657 -21.45 25.53 3.52
CA LEU A 657 -20.44 25.98 2.57
C LEU A 657 -19.04 26.12 3.15
N GLN A 658 -18.06 25.55 2.46
CA GLN A 658 -16.66 25.62 2.89
C GLN A 658 -15.81 25.97 1.67
N SER A 659 -15.02 27.02 1.78
CA SER A 659 -14.19 27.42 0.64
C SER A 659 -12.93 28.18 1.01
N VAL A 660 -11.86 27.90 0.27
CA VAL A 660 -10.57 28.55 0.46
C VAL A 660 -10.13 29.11 -0.88
N TYR A 661 -9.56 30.30 -0.87
CA TYR A 661 -9.12 30.95 -2.10
C TYR A 661 -7.61 31.23 -2.09
N ASP A 662 -6.96 30.84 -3.18
CA ASP A 662 -5.52 31.04 -3.37
C ASP A 662 -5.38 32.16 -4.39
N ALA A 663 -5.21 33.38 -3.89
CA ALA A 663 -5.09 34.57 -4.75
C ALA A 663 -3.91 34.52 -5.71
N LYS A 664 -2.78 33.99 -5.26
CA LYS A 664 -1.59 33.92 -6.08
C LYS A 664 -1.83 33.04 -7.32
N GLN A 665 -2.56 31.95 -7.16
CA GLN A 665 -2.85 31.05 -8.27
C GLN A 665 -4.13 31.46 -8.98
N GLY A 666 -5.03 32.09 -8.24
CA GLY A 666 -6.31 32.47 -8.81
C GLY A 666 -7.16 31.22 -8.82
N VAL A 667 -7.04 30.42 -7.76
CA VAL A 667 -7.79 29.16 -7.65
C VAL A 667 -8.68 29.13 -6.41
N TRP A 668 -9.88 28.55 -6.59
CA TRP A 668 -10.85 28.41 -5.51
C TRP A 668 -11.17 26.93 -5.29
N GLY A 669 -11.30 26.56 -4.02
CA GLY A 669 -11.66 25.19 -3.68
C GLY A 669 -13.01 25.39 -3.00
N ILE A 670 -14.02 24.64 -3.40
CA ILE A 670 -15.36 24.83 -2.80
C ILE A 670 -16.11 23.54 -2.54
N VAL A 671 -16.78 23.47 -1.39
CA VAL A 671 -17.59 22.30 -1.07
C VAL A 671 -18.96 22.82 -0.66
N LYS A 672 -20.00 22.34 -1.32
CA LYS A 672 -21.37 22.75 -1.03
C LYS A 672 -22.18 21.55 -0.56
N TYR A 673 -22.83 21.69 0.60
CA TYR A 673 -23.65 20.60 1.10
C TYR A 673 -25.11 20.71 0.68
N ASP A 674 -25.50 21.83 0.09
CA ASP A 674 -26.88 21.97 -0.39
C ASP A 674 -26.94 22.69 -1.73
N ASP A 675 -28.13 22.75 -2.32
CA ASP A 675 -28.29 23.38 -3.63
C ASP A 675 -28.69 24.87 -3.62
N SER A 676 -28.23 25.60 -2.62
CA SER A 676 -28.53 27.03 -2.56
C SER A 676 -27.57 27.72 -3.52
N VAL A 677 -27.84 28.97 -3.85
CA VAL A 677 -26.95 29.71 -4.74
C VAL A 677 -25.88 30.38 -3.89
N SER A 678 -24.63 30.00 -4.12
CA SER A 678 -23.52 30.55 -3.36
C SER A 678 -22.70 31.50 -4.21
N THR A 679 -22.62 32.76 -3.80
CA THR A 679 -21.85 33.76 -4.52
C THR A 679 -20.44 33.74 -3.92
N ILE A 680 -19.44 33.60 -4.79
CA ILE A 680 -18.05 33.51 -4.35
C ILE A 680 -17.20 34.69 -4.78
N SER A 681 -16.54 35.32 -3.80
CA SER A 681 -15.65 36.45 -4.06
C SER A 681 -16.27 37.50 -4.98
N ASN A 682 -17.59 37.65 -4.92
CA ASN A 682 -18.29 38.61 -5.76
C ASN A 682 -17.83 38.50 -7.22
N GLN A 683 -17.54 37.28 -7.67
CA GLN A 683 -17.10 37.05 -9.05
C GLN A 683 -17.93 36.01 -9.78
N PHE A 684 -18.39 34.99 -9.07
CA PHE A 684 -19.18 33.95 -9.69
C PHE A 684 -20.05 33.22 -8.67
N GLN A 685 -20.97 32.41 -9.17
CA GLN A 685 -21.87 31.66 -8.31
C GLN A 685 -21.81 30.17 -8.63
N VAL A 686 -21.89 29.34 -7.59
CA VAL A 686 -21.91 27.89 -7.75
C VAL A 686 -23.32 27.51 -7.32
N LEU A 687 -23.94 26.58 -8.02
CA LEU A 687 -25.34 26.23 -7.77
C LEU A 687 -25.74 24.87 -7.23
N LYS A 688 -24.81 23.91 -7.18
CA LYS A 688 -25.18 22.57 -6.75
C LYS A 688 -24.33 21.93 -5.66
N ARG A 689 -24.98 21.09 -4.86
CA ARG A 689 -24.34 20.33 -3.81
C ARG A 689 -23.21 19.57 -4.51
N GLY A 690 -22.02 19.56 -3.93
CA GLY A 690 -20.91 18.87 -4.56
C GLY A 690 -19.57 19.51 -4.25
N VAL A 691 -18.53 19.07 -4.95
CA VAL A 691 -17.17 19.56 -4.74
C VAL A 691 -16.64 20.29 -5.98
N TYR A 692 -16.03 21.45 -5.79
CA TYR A 692 -15.52 22.25 -6.89
C TYR A 692 -14.07 22.69 -6.73
N THR A 693 -13.39 22.85 -7.86
CA THR A 693 -12.03 23.37 -7.91
C THR A 693 -12.06 24.22 -9.16
N ILE A 694 -11.97 25.53 -8.98
CA ILE A 694 -12.06 26.48 -10.07
C ILE A 694 -10.85 27.39 -10.20
N ARG A 695 -10.48 27.70 -11.44
CA ARG A 695 -9.34 28.57 -11.68
C ARG A 695 -9.73 29.69 -12.64
N LYS A 696 -9.34 30.91 -12.33
CA LYS A 696 -9.64 32.04 -13.19
C LYS A 696 -8.40 32.39 -13.98
N GLU A 697 -8.56 32.53 -15.29
CA GLU A 697 -7.45 32.89 -16.17
C GLU A 697 -7.99 33.99 -17.06
N GLY A 698 -7.61 35.23 -16.77
CA GLY A 698 -8.11 36.34 -17.53
C GLY A 698 -9.57 36.47 -17.15
N ASP A 699 -10.46 36.50 -18.14
CA ASP A 699 -11.89 36.60 -17.85
C ASP A 699 -12.47 35.21 -18.02
N GLU A 700 -11.59 34.22 -18.11
CA GLU A 700 -11.98 32.82 -18.28
C GLU A 700 -11.95 32.04 -16.96
N TYR A 701 -12.82 31.04 -16.87
CA TYR A 701 -12.92 30.20 -15.69
C TYR A 701 -12.83 28.71 -16.05
N LYS A 702 -11.86 28.01 -15.47
CA LYS A 702 -11.72 26.57 -15.71
C LYS A 702 -12.47 25.94 -14.56
N ILE A 703 -13.34 24.99 -14.86
CA ILE A 703 -14.16 24.38 -13.83
C ILE A 703 -14.02 22.86 -13.69
N ALA A 704 -13.97 22.40 -12.45
CA ALA A 704 -13.88 20.98 -12.15
C ALA A 704 -14.90 20.69 -11.07
N TYR A 705 -16.02 20.08 -11.45
CA TYR A 705 -17.08 19.76 -10.51
C TYR A 705 -17.24 18.24 -10.37
N TYR A 706 -17.58 17.80 -9.16
CA TYR A 706 -17.78 16.39 -8.90
C TYR A 706 -18.88 16.17 -7.84
N ASN A 707 -19.86 15.35 -8.18
CA ASN A 707 -20.93 15.02 -7.26
C ASN A 707 -20.54 13.66 -6.73
N PRO A 708 -19.95 13.60 -5.54
CA PRO A 708 -19.52 12.34 -4.93
C PRO A 708 -20.59 11.28 -4.68
N GLU A 709 -21.84 11.69 -4.51
CA GLU A 709 -22.91 10.73 -4.25
C GLU A 709 -23.32 9.96 -5.49
N THR A 710 -23.42 10.65 -6.62
CA THR A 710 -23.80 9.99 -7.88
C THR A 710 -22.55 9.62 -8.67
N GLN A 711 -21.40 10.03 -8.17
CA GLN A 711 -20.13 9.75 -8.83
C GLN A 711 -20.17 10.25 -10.27
N GLU A 712 -20.57 11.52 -10.42
CA GLU A 712 -20.67 12.14 -11.73
C GLU A 712 -20.28 13.61 -11.70
N SER A 713 -19.83 14.11 -12.83
CA SER A 713 -19.49 15.51 -12.96
C SER A 713 -20.79 16.10 -13.48
N ALA A 714 -20.72 17.21 -14.20
CA ALA A 714 -21.94 17.81 -14.72
C ALA A 714 -21.63 18.94 -15.68
N PRO A 715 -22.59 19.26 -16.57
CA PRO A 715 -22.41 20.34 -17.55
C PRO A 715 -22.15 21.63 -16.77
N ASP A 716 -21.24 22.45 -17.27
CA ASP A 716 -20.89 23.69 -16.61
C ASP A 716 -22.07 24.58 -16.19
N GLN A 717 -23.02 24.82 -17.09
CA GLN A 717 -24.16 25.69 -16.78
C GLN A 717 -25.06 25.21 -15.66
N GLU A 718 -24.94 23.95 -15.28
CA GLU A 718 -25.77 23.40 -14.21
C GLU A 718 -25.23 23.73 -12.83
N VAL A 719 -23.92 23.95 -12.74
CA VAL A 719 -23.27 24.20 -11.46
C VAL A 719 -22.48 25.50 -11.33
N PHE A 720 -22.30 26.23 -12.43
CA PHE A 720 -21.52 27.45 -12.40
C PHE A 720 -22.16 28.58 -13.20
N LYS A 721 -22.06 29.81 -12.68
CA LYS A 721 -22.60 30.99 -13.35
C LYS A 721 -21.76 32.21 -12.98
N LYS A 722 -21.14 32.82 -13.99
CA LYS A 722 -20.31 33.99 -13.78
C LYS A 722 -21.21 35.21 -13.52
N LEU A 723 -20.78 36.10 -12.64
CA LEU A 723 -21.58 37.29 -12.34
C LEU A 723 -21.33 38.40 -13.37
#